data_9E03
#
_entry.id   9E03
#
_cell.length_a   1.00
_cell.length_b   1.00
_cell.length_c   1.00
_cell.angle_alpha   90.00
_cell.angle_beta   90.00
_cell.angle_gamma   90.00
#
_symmetry.space_group_name_H-M   'P 1'
#
loop_
_entity.id
_entity.type
_entity.pdbx_description
1 polymer 'Sec-independent protein translocase protein TatC'
2 polymer 'Twin-arginine translocase B'
#
loop_
_entity_poly.entity_id
_entity_poly.type
_entity_poly.pdbx_seq_one_letter_code
_entity_poly.pdbx_strand_id
1 'polypeptide(L)'
;MSLADHLTELRSRLMRATIAVLILGTISLVFAKPIFGLLMQPVLDALPPENRSLIYTSGIEELNVLMKVGVYAGIFLTTP
VILMQIWGFVSPGLYPEERRFAAPFVAFGSIAFLLGAAFAYFAVLPSMFTFLLNEEETLALEQRLDTARLRADDALRFLR
LGEAEEAGRIAKETSTQLRAEGQGQAPAPEVAPAASVEMTGRLDGLGRLLDAASVGYGAQSRGVLRQAVEKRVEAVTAYE
KKDFAAAAAAMDGSASLLAGIAPTRTEELAGLWRLEKELATAHAAHEAARWTRPMLSMHEQLSLVLLLILAFGIIFELPL
VMALLGVVGVVKSSWLFRYQRHAFVVALIAAAIITPTGDVVNLSLMAGPMLLAYELGVLLVWMVERRRARNSAETGITPA
SGSENLYFQ
;
A,E,C
2 'polypeptide(L)'
;MFNIGAGEMVFILVAALLILGPQRLPELARGIGKFLREFRRQTDEVRNVVEREFYAMDQEIGEPPTAPLRPGTRFAPQPP
QAVGGPEATLPPATDGASPPADAASPQPSSPAQVLEMDAQGPREVATSDVHAGETPAQDAATAEPGAEPTAEAPPEPAAS
TATSPTLSPIPGTVARNAPKRSWSHPQFEK
;
B,F,D
#
# COMPACT_ATOMS: atom_id res chain seq x y z
N ASP A 5 4.42 -43.13 10.33
CA ASP A 5 3.74 -44.20 11.05
C ASP A 5 3.40 -43.79 12.47
N HIS A 6 4.22 -44.22 13.43
CA HIS A 6 3.99 -43.90 14.83
C HIS A 6 4.30 -42.43 15.10
N LEU A 7 3.72 -41.91 16.18
CA LEU A 7 3.87 -40.51 16.56
C LEU A 7 4.88 -40.29 17.67
N THR A 8 5.08 -41.28 18.54
CA THR A 8 5.72 -41.05 19.84
C THR A 8 7.04 -40.30 19.73
N GLU A 9 8.02 -40.92 19.07
CA GLU A 9 9.35 -40.33 18.98
C GLU A 9 9.35 -39.10 18.08
N LEU A 10 8.61 -39.18 16.96
CA LEU A 10 8.49 -38.03 16.07
C LEU A 10 7.88 -36.84 16.79
N ARG A 11 6.80 -37.06 17.55
CA ARG A 11 6.15 -35.97 18.25
C ARG A 11 7.05 -35.41 19.35
N SER A 12 7.74 -36.28 20.08
CA SER A 12 8.63 -35.81 21.14
C SER A 12 9.75 -34.95 20.57
N ARG A 13 10.35 -35.38 19.47
CA ARG A 13 11.49 -34.64 18.95
C ARG A 13 11.03 -33.38 18.22
N LEU A 14 9.83 -33.41 17.63
CA LEU A 14 9.24 -32.19 17.11
C LEU A 14 8.99 -31.19 18.23
N MET A 15 8.57 -31.68 19.40
CA MET A 15 8.41 -30.81 20.55
C MET A 15 9.75 -30.22 20.99
N ARG A 16 10.81 -31.03 20.95
CA ARG A 16 12.15 -30.51 21.25
C ARG A 16 12.53 -29.38 20.29
N ALA A 17 12.29 -29.60 18.99
CA ALA A 17 12.59 -28.57 18.01
C ALA A 17 11.77 -27.31 18.25
N THR A 18 10.48 -27.49 18.59
CA THR A 18 9.60 -26.35 18.82
C THR A 18 10.02 -25.56 20.04
N ILE A 19 10.39 -26.22 21.14
CA ILE A 19 10.82 -25.48 22.32
C ILE A 19 12.14 -24.78 22.06
N ALA A 20 13.03 -25.41 21.29
CA ALA A 20 14.27 -24.72 20.91
C ALA A 20 13.97 -23.48 20.08
N VAL A 21 13.04 -23.59 19.12
CA VAL A 21 12.66 -22.43 18.32
C VAL A 21 12.10 -21.33 19.22
N LEU A 22 11.27 -21.71 20.20
CA LEU A 22 10.66 -20.73 21.08
C LEU A 22 11.73 -19.98 21.89
N ILE A 23 12.67 -20.71 22.49
CA ILE A 23 13.66 -20.04 23.33
C ILE A 23 14.58 -19.17 22.49
N LEU A 24 15.03 -19.67 21.34
CA LEU A 24 15.90 -18.85 20.51
C LEU A 24 15.18 -17.66 19.90
N GLY A 25 13.89 -17.77 19.64
CA GLY A 25 13.12 -16.61 19.23
C GLY A 25 12.97 -15.59 20.34
N THR A 26 12.80 -16.07 21.57
CA THR A 26 12.73 -15.16 22.72
C THR A 26 14.03 -14.39 22.88
N ILE A 27 15.18 -15.07 22.78
CA ILE A 27 16.45 -14.37 22.89
C ILE A 27 16.68 -13.45 21.71
N SER A 28 16.33 -13.90 20.49
CA SER A 28 16.61 -13.09 19.31
C SER A 28 15.66 -11.91 19.16
N LEU A 29 14.53 -11.91 19.86
CA LEU A 29 13.62 -10.77 19.81
C LEU A 29 14.23 -9.52 20.41
N VAL A 30 15.24 -9.68 21.28
CA VAL A 30 15.90 -8.52 21.87
C VAL A 30 16.56 -7.68 20.79
N PHE A 31 17.24 -8.34 19.84
CA PHE A 31 17.96 -7.66 18.77
C PHE A 31 17.17 -7.69 17.46
N ALA A 32 15.85 -7.63 17.53
CA ALA A 32 15.05 -7.69 16.30
C ALA A 32 15.29 -6.47 15.42
N LYS A 33 15.39 -5.29 16.02
CA LYS A 33 15.59 -4.07 15.24
C LYS A 33 16.92 -4.03 14.49
N PRO A 34 18.07 -4.31 15.11
CA PRO A 34 19.32 -4.33 14.33
C PRO A 34 19.32 -5.37 13.23
N ILE A 35 18.74 -6.55 13.48
CA ILE A 35 18.66 -7.57 12.45
C ILE A 35 17.78 -7.11 11.30
N PHE A 36 16.67 -6.44 11.61
CA PHE A 36 15.80 -5.91 10.57
C PHE A 36 16.53 -4.85 9.75
N GLY A 37 17.29 -3.98 10.41
CA GLY A 37 18.08 -2.99 9.68
C GLY A 37 19.10 -3.63 8.76
N LEU A 38 19.80 -4.66 9.25
CA LEU A 38 20.76 -5.36 8.41
C LEU A 38 20.08 -6.03 7.23
N LEU A 39 18.91 -6.61 7.45
CA LEU A 39 18.17 -7.26 6.38
C LEU A 39 17.69 -6.25 5.34
N MET A 40 17.29 -5.06 5.79
CA MET A 40 16.74 -4.05 4.88
C MET A 40 17.81 -3.19 4.22
N GLN A 41 19.06 -3.28 4.66
CA GLN A 41 20.12 -2.51 4.01
C GLN A 41 20.24 -2.79 2.52
N PRO A 42 20.21 -4.04 2.04
CA PRO A 42 20.33 -4.25 0.58
C PRO A 42 19.21 -3.63 -0.24
N VAL A 43 17.95 -3.83 0.17
CA VAL A 43 16.84 -3.29 -0.60
C VAL A 43 16.84 -1.77 -0.57
N LEU A 44 17.16 -1.18 0.58
CA LEU A 44 17.26 0.27 0.67
C LEU A 44 18.38 0.79 -0.23
N ASP A 45 19.51 0.09 -0.26
CA ASP A 45 20.61 0.51 -1.11
C ASP A 45 20.22 0.43 -2.59
N ALA A 46 19.44 -0.60 -2.95
CA ALA A 46 18.96 -0.70 -4.33
C ALA A 46 17.98 0.42 -4.69
N LEU A 47 17.31 1.01 -3.71
CA LEU A 47 16.38 2.10 -3.96
C LEU A 47 17.14 3.39 -4.27
N PRO A 48 16.51 4.31 -5.00
CA PRO A 48 17.17 5.59 -5.26
C PRO A 48 17.41 6.35 -3.97
N PRO A 49 18.50 7.13 -3.90
CA PRO A 49 18.76 7.89 -2.67
C PRO A 49 17.67 8.87 -2.32
N GLU A 50 17.01 9.47 -3.32
CA GLU A 50 15.96 10.45 -3.05
C GLU A 50 14.68 9.81 -2.52
N ASN A 51 14.47 8.52 -2.78
CA ASN A 51 13.28 7.81 -2.32
C ASN A 51 13.67 6.55 -1.56
N ARG A 52 14.77 6.63 -0.81
CA ARG A 52 15.24 5.50 0.01
C ARG A 52 14.35 5.40 1.23
N SER A 53 13.19 4.78 1.04
CA SER A 53 12.23 4.67 2.13
C SER A 53 11.32 3.46 1.92
N LEU A 54 10.77 2.98 3.02
CA LEU A 54 9.81 1.89 3.04
C LEU A 54 8.58 2.32 3.82
N ILE A 55 7.40 1.93 3.33
CA ILE A 55 6.16 2.30 3.97
C ILE A 55 5.63 1.11 4.76
N TYR A 56 4.83 1.40 5.78
CA TYR A 56 4.13 0.35 6.52
C TYR A 56 2.63 0.59 6.44
N THR A 57 1.92 -0.43 5.97
CA THR A 57 0.50 -0.31 5.72
C THR A 57 -0.31 -0.32 7.01
N SER A 58 0.03 -1.19 7.95
CA SER A 58 -0.73 -1.37 9.17
C SER A 58 -0.01 -0.77 10.36
N GLY A 59 -0.76 -0.50 11.42
CA GLY A 59 -0.19 0.05 12.63
C GLY A 59 0.62 -0.94 13.45
N ILE A 60 0.36 -2.23 13.29
CA ILE A 60 1.10 -3.26 14.01
C ILE A 60 2.16 -3.90 13.11
N GLU A 61 2.49 -3.27 11.98
CA GLU A 61 3.45 -3.86 11.07
C GLU A 61 4.86 -3.86 11.64
N GLU A 62 5.19 -2.87 12.48
CA GLU A 62 6.43 -2.94 13.25
C GLU A 62 6.47 -4.19 14.11
N LEU A 63 5.40 -4.45 14.86
CA LEU A 63 5.36 -5.62 15.72
C LEU A 63 5.39 -6.91 14.91
N ASN A 64 4.65 -6.96 13.81
CA ASN A 64 4.64 -8.16 12.97
C ASN A 64 6.02 -8.41 12.38
N VAL A 65 6.70 -7.36 11.91
CA VAL A 65 8.03 -7.51 11.33
C VAL A 65 9.01 -8.00 12.38
N LEU A 66 8.97 -7.40 13.58
CA LEU A 66 9.87 -7.83 14.63
C LEU A 66 9.61 -9.28 15.04
N MET A 67 8.34 -9.67 15.15
CA MET A 67 8.02 -11.05 15.51
C MET A 67 8.46 -12.02 14.44
N LYS A 68 8.27 -11.66 13.17
CA LYS A 68 8.71 -12.53 12.09
C LYS A 68 10.22 -12.67 12.08
N VAL A 69 10.94 -11.57 12.31
CA VAL A 69 12.39 -11.63 12.38
C VAL A 69 12.83 -12.53 13.53
N GLY A 70 12.19 -12.40 14.68
CA GLY A 70 12.52 -13.26 15.80
C GLY A 70 12.25 -14.72 15.53
N VAL A 71 11.10 -15.03 14.93
CA VAL A 71 10.74 -16.41 14.62
C VAL A 71 11.72 -17.01 13.63
N TYR A 72 12.08 -16.25 12.59
CA TYR A 72 12.99 -16.77 11.58
C TYR A 72 14.41 -16.89 12.13
N ALA A 73 14.81 -15.97 13.01
CA ALA A 73 16.11 -16.11 13.68
C ALA A 73 16.13 -17.36 14.54
N GLY A 74 15.04 -17.64 15.24
CA GLY A 74 14.97 -18.85 16.03
C GLY A 74 15.05 -20.11 15.18
N ILE A 75 14.35 -20.10 14.04
CA ILE A 75 14.37 -21.30 13.19
C ILE A 75 15.71 -21.44 12.48
N PHE A 76 16.43 -20.33 12.28
CA PHE A 76 17.75 -20.41 11.68
C PHE A 76 18.78 -20.92 12.69
N LEU A 77 18.73 -20.43 13.92
CA LEU A 77 19.68 -20.83 14.95
C LEU A 77 19.34 -22.18 15.58
N THR A 78 18.18 -22.75 15.27
CA THR A 78 17.84 -24.08 15.75
C THR A 78 18.23 -25.16 14.75
N THR A 79 18.81 -24.80 13.62
CA THR A 79 19.23 -25.80 12.64
C THR A 79 20.17 -26.84 13.23
N PRO A 80 21.17 -26.51 14.05
CA PRO A 80 21.92 -27.57 14.72
C PRO A 80 21.04 -28.49 15.56
N VAL A 81 20.02 -27.93 16.22
CA VAL A 81 19.15 -28.75 17.05
C VAL A 81 18.39 -29.76 16.20
N ILE A 82 17.81 -29.31 15.09
CA ILE A 82 17.09 -30.24 14.23
C ILE A 82 18.05 -31.23 13.59
N LEU A 83 19.30 -30.84 13.36
CA LEU A 83 20.27 -31.79 12.84
C LEU A 83 20.57 -32.89 13.85
N MET A 84 20.75 -32.53 15.13
CA MET A 84 20.94 -33.56 16.14
C MET A 84 19.71 -34.45 16.25
N GLN A 85 18.52 -33.86 16.16
CA GLN A 85 17.30 -34.66 16.23
C GLN A 85 17.23 -35.65 15.08
N ILE A 86 17.58 -35.21 13.87
CA ILE A 86 17.57 -36.09 12.71
C ILE A 86 18.60 -37.19 12.87
N TRP A 87 19.81 -36.84 13.33
CA TRP A 87 20.85 -37.85 13.50
C TRP A 87 20.45 -38.90 14.52
N GLY A 88 19.87 -38.46 15.64
CA GLY A 88 19.41 -39.41 16.63
C GLY A 88 18.26 -40.26 16.14
N PHE A 89 17.39 -39.69 15.30
CA PHE A 89 16.21 -40.40 14.84
C PHE A 89 16.58 -41.68 14.10
N VAL A 90 17.62 -41.62 13.28
CA VAL A 90 18.14 -42.79 12.58
C VAL A 90 19.45 -43.18 13.26
N SER A 91 19.40 -44.23 14.07
CA SER A 91 20.59 -44.73 14.74
C SER A 91 20.38 -46.20 15.12
N PRO A 92 20.35 -47.11 14.16
CA PRO A 92 20.15 -48.53 14.50
C PRO A 92 21.43 -49.16 15.01
N GLY A 93 22.40 -48.33 15.33
CA GLY A 93 23.75 -48.78 15.61
C GLY A 93 24.67 -48.34 14.50
N LEU A 94 24.18 -48.45 13.26
CA LEU A 94 24.88 -47.95 12.08
C LEU A 94 26.31 -48.46 12.02
N TYR A 95 26.52 -49.72 12.43
CA TYR A 95 27.86 -50.27 12.54
C TYR A 95 28.71 -49.35 13.39
N PRO A 96 28.56 -49.40 14.73
CA PRO A 96 28.92 -48.26 15.59
C PRO A 96 30.28 -47.62 15.33
N GLU A 97 31.15 -48.29 14.56
CA GLU A 97 32.33 -47.61 14.05
C GLU A 97 31.96 -46.42 13.16
N GLU A 98 30.74 -46.41 12.62
CA GLU A 98 30.24 -45.31 11.81
C GLU A 98 29.19 -44.47 12.51
N ARG A 99 28.68 -44.91 13.66
CA ARG A 99 27.70 -44.12 14.40
C ARG A 99 28.33 -42.98 15.18
N ARG A 100 29.65 -43.01 15.39
CA ARG A 100 30.32 -41.95 16.12
C ARG A 100 30.37 -40.64 15.35
N PHE A 101 30.04 -40.66 14.05
CA PHE A 101 30.13 -39.47 13.22
C PHE A 101 28.86 -38.62 13.35
N ALA A 102 28.57 -38.24 14.59
CA ALA A 102 27.44 -37.35 14.89
C ALA A 102 27.84 -35.89 14.84
N ALA A 103 28.85 -35.52 15.63
CA ALA A 103 29.34 -34.15 15.61
C ALA A 103 29.76 -33.70 14.22
N PRO A 104 30.46 -34.50 13.39
CA PRO A 104 30.71 -34.06 12.02
C PRO A 104 29.43 -33.76 11.26
N PHE A 105 28.40 -34.57 11.43
CA PHE A 105 27.14 -34.35 10.72
C PHE A 105 26.52 -33.02 11.13
N VAL A 106 26.36 -32.81 12.44
CA VAL A 106 25.70 -31.59 12.90
C VAL A 106 26.52 -30.37 12.51
N ALA A 107 27.84 -30.43 12.71
CA ALA A 107 28.69 -29.28 12.38
C ALA A 107 28.62 -28.96 10.89
N PHE A 108 28.74 -29.98 10.04
CA PHE A 108 28.74 -29.74 8.60
C PHE A 108 27.40 -29.17 8.14
N GLY A 109 26.29 -29.71 8.66
CA GLY A 109 25.00 -29.14 8.32
C GLY A 109 24.84 -27.71 8.78
N SER A 110 25.30 -27.40 9.99
CA SER A 110 25.19 -26.03 10.50
C SER A 110 25.98 -25.04 9.65
N ILE A 111 27.25 -25.36 9.38
CA ILE A 111 28.04 -24.44 8.56
C ILE A 111 27.53 -24.39 7.13
N ALA A 112 26.95 -25.49 6.62
CA ALA A 112 26.37 -25.44 5.28
C ALA A 112 25.21 -24.45 5.24
N PHE A 113 24.32 -24.51 6.23
CA PHE A 113 23.20 -23.56 6.26
C PHE A 113 23.70 -22.14 6.44
N LEU A 114 24.70 -21.94 7.31
CA LEU A 114 25.22 -20.59 7.53
C LEU A 114 25.85 -20.03 6.27
N LEU A 115 26.65 -20.84 5.57
CA LEU A 115 27.28 -20.39 4.34
C LEU A 115 26.24 -20.12 3.26
N GLY A 116 25.21 -20.96 3.18
CA GLY A 116 24.14 -20.71 2.22
C GLY A 116 23.43 -19.40 2.49
N ALA A 117 23.10 -19.13 3.76
CA ALA A 117 22.45 -17.88 4.10
C ALA A 117 23.34 -16.69 3.81
N ALA A 118 24.63 -16.79 4.16
CA ALA A 118 25.54 -15.67 3.93
C ALA A 118 25.72 -15.40 2.45
N PHE A 119 25.88 -16.45 1.64
CA PHE A 119 26.03 -16.26 0.20
C PHE A 119 24.75 -15.70 -0.39
N ALA A 120 23.59 -16.23 0.02
CA ALA A 120 22.31 -15.66 -0.37
C ALA A 120 22.30 -14.16 -0.15
N TYR A 121 22.51 -13.73 1.09
CA TYR A 121 22.51 -12.32 1.43
C TYR A 121 23.46 -11.57 0.52
N PHE A 122 24.76 -11.83 0.70
CA PHE A 122 25.80 -10.98 0.12
C PHE A 122 25.72 -10.94 -1.40
N ALA A 123 25.58 -12.11 -2.04
CA ALA A 123 25.56 -12.13 -3.50
C ALA A 123 24.18 -11.80 -4.06
N VAL A 124 23.18 -12.59 -3.70
CA VAL A 124 21.89 -12.51 -4.37
C VAL A 124 21.19 -11.18 -4.06
N LEU A 125 21.11 -10.81 -2.76
CA LEU A 125 20.20 -9.73 -2.41
C LEU A 125 20.53 -8.41 -3.10
N PRO A 126 21.76 -7.88 -3.05
CA PRO A 126 22.01 -6.63 -3.76
C PRO A 126 21.79 -6.75 -5.26
N SER A 127 22.29 -7.83 -5.87
CA SER A 127 22.20 -7.96 -7.32
C SER A 127 20.75 -8.05 -7.79
N MET A 128 19.94 -8.89 -7.13
CA MET A 128 18.58 -9.04 -7.62
C MET A 128 17.74 -7.82 -7.29
N PHE A 129 17.96 -7.22 -6.12
CA PHE A 129 17.20 -6.01 -5.79
C PHE A 129 17.59 -4.86 -6.70
N THR A 130 18.81 -4.86 -7.23
CA THR A 130 19.16 -3.92 -8.29
C THR A 130 18.45 -4.28 -9.58
N PHE A 131 18.33 -5.57 -9.87
CA PHE A 131 17.67 -5.98 -11.12
C PHE A 131 16.21 -5.57 -11.13
N LEU A 132 15.48 -5.80 -10.05
CA LEU A 132 14.05 -5.47 -10.03
C LEU A 132 13.81 -4.01 -9.68
N LEU A 133 14.25 -3.58 -8.50
CA LEU A 133 13.94 -2.23 -8.03
C LEU A 133 14.90 -1.20 -8.59
N ASN A 134 15.01 -1.15 -9.92
CA ASN A 134 15.81 -0.13 -10.58
C ASN A 134 15.38 -0.08 -12.03
N GLU A 135 15.07 1.11 -12.52
CA GLU A 135 14.63 1.30 -13.90
C GLU A 135 15.75 1.70 -14.83
N GLU A 136 16.58 2.68 -14.42
CA GLU A 136 17.81 3.04 -15.10
C GLU A 136 17.55 3.65 -16.48
N GLU A 137 16.30 3.68 -16.91
CA GLU A 137 15.90 4.36 -18.13
C GLU A 137 14.98 5.54 -17.86
N THR A 138 14.00 5.37 -17.00
CA THR A 138 13.19 6.49 -16.52
C THR A 138 13.93 7.34 -15.50
N LEU A 139 14.83 6.74 -14.71
CA LEU A 139 15.64 7.52 -13.79
C LEU A 139 16.61 8.44 -14.52
N ALA A 140 17.24 7.95 -15.60
CA ALA A 140 18.12 8.81 -16.38
C ALA A 140 17.35 9.96 -17.02
N LEU A 141 16.16 9.68 -17.55
CA LEU A 141 15.34 10.72 -18.14
C LEU A 141 14.89 11.72 -17.08
N GLU A 142 14.54 11.23 -15.88
CA GLU A 142 14.16 12.12 -14.80
C GLU A 142 15.32 13.02 -14.38
N GLN A 143 16.52 12.46 -14.31
CA GLN A 143 17.69 13.27 -13.98
C GLN A 143 17.97 14.30 -15.07
N ARG A 144 17.81 13.92 -16.33
CA ARG A 144 17.98 14.88 -17.42
C ARG A 144 16.95 16.00 -17.33
N LEU A 145 15.70 15.66 -17.00
CA LEU A 145 14.66 16.67 -16.83
C LEU A 145 14.97 17.59 -15.65
N ASP A 146 15.46 17.03 -14.55
CA ASP A 146 15.83 17.87 -13.41
C ASP A 146 16.98 18.81 -13.75
N THR A 147 17.97 18.31 -14.49
CA THR A 147 19.07 19.17 -14.92
C THR A 147 18.56 20.27 -15.85
N ALA A 148 17.67 19.93 -16.77
CA ALA A 148 17.11 20.94 -17.67
C ALA A 148 16.32 21.98 -16.89
N ARG A 149 15.58 21.55 -15.87
CA ARG A 149 14.88 22.48 -15.01
C ARG A 149 15.85 23.40 -14.29
N LEU A 150 16.99 22.86 -13.85
CA LEU A 150 18.01 23.69 -13.20
C LEU A 150 18.56 24.74 -14.16
N ARG A 151 18.84 24.35 -15.41
CA ARG A 151 19.32 25.32 -16.39
C ARG A 151 18.26 26.37 -16.69
N ALA A 152 17.00 25.96 -16.76
CA ALA A 152 15.92 26.92 -16.96
C ALA A 152 15.83 27.90 -15.79
N ASP A 153 16.02 27.40 -14.57
CA ASP A 153 16.03 28.26 -13.39
C ASP A 153 17.18 29.26 -13.46
N ASP A 154 18.35 28.81 -13.89
CA ASP A 154 19.48 29.73 -14.04
C ASP A 154 19.18 30.79 -15.10
N ALA A 155 18.55 30.40 -16.21
CA ALA A 155 18.16 31.36 -17.22
C ALA A 155 17.15 32.36 -16.68
N LEU A 156 16.22 31.89 -15.85
CA LEU A 156 15.26 32.79 -15.24
C LEU A 156 15.93 33.76 -14.27
N ARG A 157 16.95 33.29 -13.54
CA ARG A 157 17.70 34.20 -12.69
C ARG A 157 18.44 35.25 -13.51
N PHE A 158 19.02 34.84 -14.63
CA PHE A 158 19.67 35.79 -15.52
C PHE A 158 18.68 36.82 -16.05
N LEU A 159 17.45 36.38 -16.34
CA LEU A 159 16.40 37.31 -16.73
C LEU A 159 16.06 38.27 -15.59
N ARG A 160 15.95 37.73 -14.38
CA ARG A 160 15.67 38.56 -13.20
C ARG A 160 16.75 39.60 -12.96
N LEU A 161 17.97 39.32 -13.41
CA LEU A 161 19.07 40.27 -13.31
C LEU A 161 19.12 41.23 -14.50
N GLY A 162 18.14 41.15 -15.41
CA GLY A 162 18.13 42.01 -16.57
C GLY A 162 19.02 41.57 -17.71
N GLU A 163 19.56 40.35 -17.65
CA GLU A 163 20.44 39.82 -18.69
C GLU A 163 19.62 38.92 -19.59
N ALA A 164 19.03 39.51 -20.64
CA ALA A 164 18.24 38.73 -21.59
C ALA A 164 19.10 37.89 -22.52
N GLU A 165 20.29 38.38 -22.88
CA GLU A 165 21.15 37.65 -23.81
C GLU A 165 21.62 36.33 -23.20
N GLU A 166 22.11 36.37 -21.96
CA GLU A 166 22.57 35.15 -21.31
C GLU A 166 21.43 34.18 -21.08
N ALA A 167 20.26 34.71 -20.70
CA ALA A 167 19.10 33.84 -20.50
C ALA A 167 18.70 33.16 -21.79
N GLY A 168 18.68 33.90 -22.89
CA GLY A 168 18.35 33.28 -24.17
C GLY A 168 19.39 32.26 -24.61
N ARG A 169 20.66 32.54 -24.36
CA ARG A 169 21.71 31.58 -24.69
C ARG A 169 21.54 30.28 -23.92
N ILE A 170 21.28 30.38 -22.61
CA ILE A 170 21.09 29.19 -21.79
C ILE A 170 19.84 28.43 -22.22
N ALA A 171 18.77 29.17 -22.55
CA ALA A 171 17.55 28.52 -23.00
C ALA A 171 17.76 27.76 -24.30
N LYS A 172 18.47 28.37 -25.25
CA LYS A 172 18.75 27.69 -26.52
C LYS A 172 19.61 26.45 -26.30
N GLU A 173 20.63 26.57 -25.44
CA GLU A 173 21.50 25.42 -25.18
C GLU A 173 20.71 24.28 -24.54
N THR A 174 19.85 24.60 -23.56
CA THR A 174 19.06 23.57 -22.90
C THR A 174 18.07 22.93 -23.87
N SER A 175 17.44 23.73 -24.73
CA SER A 175 16.52 23.17 -25.71
C SER A 175 17.25 22.23 -26.67
N THR A 176 18.43 22.64 -27.13
CA THR A 176 19.22 21.77 -28.01
C THR A 176 19.61 20.48 -27.31
N GLN A 177 20.04 20.57 -26.05
CA GLN A 177 20.43 19.38 -25.31
C GLN A 177 19.24 18.44 -25.12
N LEU A 178 18.08 18.99 -24.79
CA LEU A 178 16.89 18.16 -24.61
C LEU A 178 16.47 17.49 -25.91
N ARG A 179 16.52 18.24 -27.02
CA ARG A 179 16.13 17.65 -28.30
C ARG A 179 17.12 16.58 -28.75
N ALA A 180 18.41 16.78 -28.48
CA ALA A 180 19.41 15.78 -28.87
C ALA A 180 19.18 14.47 -28.15
N GLU A 181 18.86 14.52 -26.86
CA GLU A 181 18.60 13.32 -26.09
C GLU A 181 17.11 13.14 -25.83
N PRO A 193 0.30 12.46 -23.60
CA PRO A 193 0.04 13.41 -22.52
C PRO A 193 -1.35 14.03 -22.60
N ALA A 194 -2.05 14.09 -21.48
CA ALA A 194 -3.38 14.69 -21.44
C ALA A 194 -3.31 16.18 -21.71
N ALA A 195 -4.35 16.71 -22.35
CA ALA A 195 -4.39 18.13 -22.67
C ALA A 195 -4.43 18.98 -21.41
N SER A 196 -5.21 18.57 -20.41
CA SER A 196 -5.33 19.35 -19.19
C SER A 196 -4.00 19.43 -18.43
N VAL A 197 -3.29 18.32 -18.34
CA VAL A 197 -2.01 18.32 -17.64
C VAL A 197 -1.01 19.21 -18.35
N GLU A 198 -0.94 19.13 -19.68
CA GLU A 198 -0.02 19.95 -20.43
C GLU A 198 -0.36 21.43 -20.31
N MET A 199 -1.66 21.76 -20.33
CA MET A 199 -2.06 23.15 -20.14
C MET A 199 -1.70 23.65 -18.75
N THR A 200 -1.87 22.81 -17.72
CA THR A 200 -1.48 23.21 -16.38
C THR A 200 0.03 23.47 -16.30
N GLY A 201 0.83 22.58 -16.89
CA GLY A 201 2.27 22.80 -16.89
C GLY A 201 2.67 24.05 -17.64
N ARG A 202 2.02 24.31 -18.78
CA ARG A 202 2.31 25.52 -19.54
C ARG A 202 1.91 26.77 -18.77
N LEU A 203 0.79 26.71 -18.04
CA LEU A 203 0.39 27.83 -17.20
C LEU A 203 1.41 28.10 -16.11
N ASP A 204 1.91 27.04 -15.48
CA ASP A 204 2.95 27.22 -14.47
C ASP A 204 4.22 27.81 -15.07
N GLY A 205 4.61 27.35 -16.26
CA GLY A 205 5.78 27.91 -16.91
C GLY A 205 5.61 29.37 -17.26
N LEU A 206 4.42 29.73 -17.76
CA LEU A 206 4.15 31.14 -18.06
C LEU A 206 4.17 31.98 -16.80
N GLY A 207 3.64 31.46 -15.70
CA GLY A 207 3.72 32.18 -14.44
C GLY A 207 5.15 32.40 -13.99
N ARG A 208 5.99 31.37 -14.13
CA ARG A 208 7.39 31.51 -13.76
C ARG A 208 8.08 32.57 -14.62
N LEU A 209 7.84 32.53 -15.94
CA LEU A 209 8.46 33.51 -16.83
C LEU A 209 7.98 34.92 -16.52
N LEU A 210 6.69 35.07 -16.25
CA LEU A 210 6.15 36.39 -15.92
C LEU A 210 6.72 36.91 -14.61
N ASP A 211 6.88 36.04 -13.61
CA ASP A 211 7.48 36.47 -12.36
C ASP A 211 8.93 36.90 -12.56
N ALA A 212 9.68 36.13 -13.36
CA ALA A 212 11.06 36.51 -13.62
C ALA A 212 11.15 37.85 -14.33
N ALA A 213 10.29 38.07 -15.32
CA ALA A 213 10.30 39.34 -16.05
C ALA A 213 9.87 40.49 -15.15
N SER A 214 8.91 40.25 -14.26
CA SER A 214 8.47 41.29 -13.34
C SER A 214 9.58 41.68 -12.38
N VAL A 215 10.34 40.69 -11.90
CA VAL A 215 11.47 41.00 -11.03
C VAL A 215 12.56 41.74 -11.80
N GLY A 216 12.81 41.33 -13.03
CA GLY A 216 13.91 41.91 -13.79
C GLY A 216 13.64 43.29 -14.38
N TYR A 217 12.67 43.37 -15.29
CA TYR A 217 12.36 44.61 -16.00
C TYR A 217 11.13 45.31 -15.44
N GLY A 218 10.81 45.06 -14.17
CA GLY A 218 9.64 45.65 -13.57
C GLY A 218 9.78 47.09 -13.14
N ALA A 219 10.96 47.68 -13.30
CA ALA A 219 11.15 49.08 -12.95
C ALA A 219 10.84 50.03 -14.09
N GLN A 220 10.93 49.57 -15.33
CA GLN A 220 10.71 50.41 -16.49
C GLN A 220 9.52 49.97 -17.32
N SER A 221 9.45 48.70 -17.71
CA SER A 221 8.39 48.21 -18.57
C SER A 221 7.17 47.74 -17.78
N ARG A 222 6.64 48.60 -16.91
CA ARG A 222 5.50 48.23 -16.10
C ARG A 222 4.20 48.19 -16.91
N GLY A 223 4.18 48.78 -18.10
CA GLY A 223 2.98 48.80 -18.91
C GLY A 223 2.81 47.60 -19.81
N VAL A 224 3.91 46.90 -20.10
CA VAL A 224 3.83 45.74 -20.97
C VAL A 224 3.60 44.45 -20.19
N LEU A 225 4.22 44.31 -19.02
CA LEU A 225 3.93 43.17 -18.18
C LEU A 225 2.47 43.18 -17.70
N ARG A 226 1.87 44.36 -17.59
CA ARG A 226 0.45 44.42 -17.25
C ARG A 226 -0.39 43.75 -18.33
N GLN A 227 -0.11 44.05 -19.61
CA GLN A 227 -0.82 43.41 -20.70
C GLN A 227 -0.54 41.92 -20.74
N ALA A 228 0.70 41.52 -20.46
CA ALA A 228 1.02 40.10 -20.43
C ALA A 228 0.25 39.38 -19.34
N VAL A 229 0.11 40.00 -18.17
CA VAL A 229 -0.63 39.38 -17.07
C VAL A 229 -2.12 39.33 -17.40
N GLU A 230 -2.65 40.35 -18.08
CA GLU A 230 -4.04 40.30 -18.52
C GLU A 230 -4.26 39.14 -19.49
N LYS A 231 -3.32 38.94 -20.41
CA LYS A 231 -3.45 37.81 -21.33
C LYS A 231 -3.36 36.48 -20.57
N ARG A 232 -2.52 36.42 -19.54
CA ARG A 232 -2.48 35.21 -18.72
C ARG A 232 -3.80 34.99 -18.00
N VAL A 233 -4.44 36.07 -17.55
CA VAL A 233 -5.75 35.96 -16.92
C VAL A 233 -6.78 35.41 -17.92
N GLU A 234 -6.70 35.88 -19.16
CA GLU A 234 -7.55 35.32 -20.21
C GLU A 234 -7.27 33.83 -20.40
N ALA A 235 -6.00 33.43 -20.33
CA ALA A 235 -5.65 32.02 -20.45
C ALA A 235 -6.25 31.21 -19.31
N VAL A 236 -6.19 31.74 -18.08
CA VAL A 236 -6.79 31.03 -16.95
C VAL A 236 -8.30 30.93 -17.12
N THR A 237 -8.94 31.99 -17.64
CA THR A 237 -10.38 31.93 -17.88
C THR A 237 -10.72 30.85 -18.90
N ALA A 238 -9.97 30.80 -20.01
CA ALA A 238 -10.18 29.77 -21.02
C ALA A 238 -9.74 28.39 -20.54
N TYR A 239 -9.01 28.32 -19.43
CA TYR A 239 -8.68 27.03 -18.82
C TYR A 239 -9.76 26.58 -17.84
N GLU A 240 -10.47 27.52 -17.23
CA GLU A 240 -11.56 27.18 -16.32
C GLU A 240 -12.64 26.38 -17.04
N LYS A 241 -13.27 27.01 -18.03
CA LYS A 241 -14.10 26.28 -18.99
C LYS A 241 -13.16 25.67 -20.03
N LYS A 242 -13.22 24.35 -20.19
CA LYS A 242 -12.17 23.64 -20.91
C LYS A 242 -12.21 24.01 -22.38
N ASP A 243 -11.38 24.98 -22.77
CA ASP A 243 -11.26 25.44 -24.14
C ASP A 243 -9.77 25.59 -24.47
N PHE A 244 -9.02 24.52 -24.18
CA PHE A 244 -7.56 24.58 -24.13
C PHE A 244 -6.92 25.24 -25.35
N ALA A 245 -7.60 25.23 -26.50
CA ALA A 245 -7.06 25.93 -27.66
C ALA A 245 -6.96 27.43 -27.40
N ALA A 246 -8.01 28.02 -26.83
CA ALA A 246 -7.96 29.43 -26.48
C ALA A 246 -6.96 29.70 -25.38
N ALA A 247 -6.81 28.76 -24.44
CA ALA A 247 -5.81 28.92 -23.39
C ALA A 247 -4.40 28.96 -23.97
N ALA A 248 -4.11 28.05 -24.91
CA ALA A 248 -2.80 28.06 -25.55
C ALA A 248 -2.58 29.32 -26.35
N ALA A 249 -3.61 29.78 -27.07
CA ALA A 249 -3.48 31.03 -27.83
C ALA A 249 -3.22 32.22 -26.91
N ALA A 250 -3.91 32.27 -25.77
CA ALA A 250 -3.71 33.36 -24.82
C ALA A 250 -2.33 33.31 -24.19
N MET A 251 -1.83 32.11 -23.87
CA MET A 251 -0.47 32.01 -23.35
C MET A 251 0.56 32.44 -24.39
N ASP A 252 0.37 32.07 -25.65
CA ASP A 252 1.27 32.51 -26.70
C ASP A 252 1.24 34.03 -26.84
N GLY A 253 0.05 34.63 -26.78
CA GLY A 253 -0.04 36.08 -26.83
C GLY A 253 0.62 36.75 -25.65
N SER A 254 0.47 36.16 -24.45
CA SER A 254 1.12 36.69 -23.26
C SER A 254 2.63 36.67 -23.41
N ALA A 255 3.18 35.56 -23.91
CA ALA A 255 4.62 35.49 -24.12
C ALA A 255 5.08 36.47 -25.19
N SER A 256 4.29 36.63 -26.26
CA SER A 256 4.64 37.58 -27.30
C SER A 256 4.68 39.01 -26.76
N LEU A 257 3.72 39.35 -25.90
CA LEU A 257 3.74 40.67 -25.29
C LEU A 257 4.90 40.81 -24.31
N LEU A 258 5.20 39.75 -23.56
CA LEU A 258 6.37 39.77 -22.67
C LEU A 258 7.65 40.00 -23.44
N ALA A 259 7.72 39.54 -24.69
CA ALA A 259 8.90 39.77 -25.50
C ALA A 259 9.13 41.26 -25.77
N GLY A 260 8.11 42.09 -25.59
CA GLY A 260 8.25 43.52 -25.82
C GLY A 260 8.91 44.30 -24.70
N ILE A 261 9.18 43.68 -23.56
CA ILE A 261 9.89 44.38 -22.49
C ILE A 261 11.33 44.68 -22.92
N ALA A 262 11.95 43.78 -23.69
CA ALA A 262 13.28 44.00 -24.26
C ALA A 262 13.17 43.83 -25.77
N PRO A 263 12.91 44.92 -26.50
CA PRO A 263 12.71 44.79 -27.96
C PRO A 263 13.93 44.28 -28.71
N THR A 264 15.13 44.53 -28.22
CA THR A 264 16.35 44.11 -28.91
C THR A 264 16.70 42.65 -28.67
N ARG A 265 16.09 42.01 -27.67
CA ARG A 265 16.37 40.63 -27.33
C ARG A 265 15.11 39.77 -27.45
N THR A 266 14.17 40.20 -28.30
CA THR A 266 12.88 39.53 -28.41
C THR A 266 13.04 38.04 -28.64
N GLU A 267 13.82 37.67 -29.66
CA GLU A 267 14.07 36.25 -29.93
C GLU A 267 14.52 35.52 -28.68
N GLU A 268 15.47 36.10 -27.94
CA GLU A 268 15.94 35.47 -26.71
C GLU A 268 14.78 35.15 -25.79
N LEU A 269 13.94 36.16 -25.51
CA LEU A 269 12.79 35.90 -24.66
C LEU A 269 11.90 34.82 -25.25
N ALA A 270 11.64 34.88 -26.56
CA ALA A 270 10.87 33.84 -27.20
C ALA A 270 11.48 32.48 -26.91
N GLY A 271 12.79 32.36 -27.07
CA GLY A 271 13.44 31.09 -26.79
C GLY A 271 13.15 30.60 -25.39
N LEU A 272 13.25 31.49 -24.41
CA LEU A 272 12.94 31.12 -23.04
C LEU A 272 11.55 30.52 -22.96
N TRP A 273 10.56 31.21 -23.52
CA TRP A 273 9.20 30.68 -23.48
C TRP A 273 9.16 29.30 -24.12
N ARG A 274 9.78 29.15 -25.29
CA ARG A 274 9.81 27.84 -25.92
C ARG A 274 10.33 26.80 -24.97
N LEU A 275 11.48 27.08 -24.34
CA LEU A 275 12.06 26.11 -23.41
C LEU A 275 11.03 25.72 -22.35
N GLU A 276 10.38 26.73 -21.75
CA GLU A 276 9.38 26.42 -20.73
C GLU A 276 8.34 25.47 -21.28
N LYS A 277 7.76 25.81 -22.44
CA LYS A 277 6.77 24.92 -23.04
C LYS A 277 7.36 23.52 -23.21
N GLU A 278 8.54 23.44 -23.80
CA GLU A 278 9.16 22.14 -24.01
C GLU A 278 9.25 21.38 -22.70
N LEU A 279 9.78 22.05 -21.65
CA LEU A 279 9.92 21.36 -20.38
C LEU A 279 8.57 20.84 -19.92
N ALA A 280 7.54 21.69 -19.97
CA ALA A 280 6.20 21.25 -19.58
C ALA A 280 5.83 20.00 -20.35
N THR A 281 5.92 20.08 -21.69
CA THR A 281 5.60 18.93 -22.51
C THR A 281 6.39 17.72 -22.06
N ALA A 282 7.71 17.87 -21.93
CA ALA A 282 8.54 16.74 -21.53
C ALA A 282 8.05 16.17 -20.21
N HIS A 283 7.80 17.02 -19.22
CA HIS A 283 7.36 16.51 -17.93
C HIS A 283 6.07 15.73 -18.09
N ALA A 284 5.11 16.27 -18.85
CA ALA A 284 3.87 15.55 -19.08
C ALA A 284 4.17 14.18 -19.67
N ALA A 285 5.02 14.14 -20.70
CA ALA A 285 5.37 12.86 -21.31
C ALA A 285 5.88 11.91 -20.25
N HIS A 286 6.78 12.38 -19.39
CA HIS A 286 7.33 11.51 -18.36
C HIS A 286 6.21 10.99 -17.46
N GLU A 287 5.32 11.86 -17.01
CA GLU A 287 4.26 11.41 -16.12
C GLU A 287 3.26 10.53 -16.88
N ALA A 288 3.24 10.64 -18.21
CA ALA A 288 2.42 9.72 -18.99
C ALA A 288 3.11 8.37 -19.12
N ALA A 289 4.45 8.37 -19.20
CA ALA A 289 5.16 7.12 -19.40
C ALA A 289 5.23 6.28 -18.13
N ARG A 290 5.35 6.93 -16.97
CA ARG A 290 5.54 6.24 -15.71
C ARG A 290 4.18 6.07 -15.05
N TRP A 291 3.49 4.98 -15.39
CA TRP A 291 2.22 4.63 -14.77
C TRP A 291 2.38 3.56 -13.70
N THR A 292 3.60 3.25 -13.30
CA THR A 292 3.87 2.22 -12.30
C THR A 292 4.96 2.75 -11.37
N ARG A 293 4.54 3.43 -10.28
CA ARG A 293 5.51 3.98 -9.34
C ARG A 293 5.82 2.99 -8.23
N PRO A 294 7.03 3.03 -7.67
CA PRO A 294 7.36 2.14 -6.56
C PRO A 294 6.89 2.68 -5.22
N MET A 295 6.28 1.81 -4.42
CA MET A 295 5.95 2.15 -3.03
C MET A 295 6.11 0.86 -2.23
N LEU A 296 7.33 0.65 -1.71
CA LEU A 296 7.67 -0.62 -1.10
C LEU A 296 7.14 -0.70 0.31
N SER A 297 6.81 -1.92 0.73
CA SER A 297 6.23 -2.17 2.04
C SER A 297 7.20 -2.93 2.91
N MET A 298 7.01 -2.77 4.22
CA MET A 298 7.88 -3.41 5.21
C MET A 298 7.75 -4.93 5.15
N HIS A 299 6.51 -5.44 5.25
CA HIS A 299 6.33 -6.87 5.46
C HIS A 299 6.61 -7.67 4.20
N GLU A 300 6.23 -7.14 3.04
CA GLU A 300 6.50 -7.87 1.79
C GLU A 300 7.99 -8.00 1.53
N GLN A 301 8.74 -6.91 1.72
CA GLN A 301 10.19 -6.97 1.51
C GLN A 301 10.84 -7.89 2.54
N LEU A 302 10.41 -7.81 3.79
CA LEU A 302 10.96 -8.71 4.80
C LEU A 302 10.67 -10.17 4.47
N SER A 303 9.45 -10.45 4.03
CA SER A 303 9.08 -11.81 3.66
C SER A 303 9.91 -12.31 2.50
N LEU A 304 10.12 -11.45 1.49
CA LEU A 304 10.93 -11.86 0.34
C LEU A 304 12.37 -12.15 0.75
N VAL A 305 12.95 -11.27 1.58
CA VAL A 305 14.35 -11.47 1.99
C VAL A 305 14.48 -12.74 2.82
N LEU A 306 13.58 -12.95 3.77
CA LEU A 306 13.63 -14.15 4.60
C LEU A 306 13.42 -15.40 3.77
N LEU A 307 12.50 -15.34 2.81
CA LEU A 307 12.26 -16.48 1.93
C LEU A 307 13.50 -16.82 1.13
N LEU A 308 14.18 -15.80 0.59
CA LEU A 308 15.40 -16.06 -0.15
C LEU A 308 16.48 -16.68 0.72
N ILE A 309 16.67 -16.14 1.92
CA ILE A 309 17.72 -16.65 2.80
C ILE A 309 17.43 -18.09 3.19
N LEU A 310 16.18 -18.38 3.57
CA LEU A 310 15.82 -19.76 3.93
C LEU A 310 15.96 -20.70 2.74
N ALA A 311 15.54 -20.27 1.56
CA ALA A 311 15.63 -21.11 0.39
C ALA A 311 17.08 -21.44 0.05
N PHE A 312 17.96 -20.45 0.13
CA PHE A 312 19.36 -20.73 -0.20
C PHE A 312 20.05 -21.53 0.91
N GLY A 313 19.64 -21.34 2.16
CA GLY A 313 20.11 -22.22 3.21
C GLY A 313 19.72 -23.65 2.98
N ILE A 314 18.48 -23.88 2.54
CA ILE A 314 18.03 -25.22 2.17
C ILE A 314 18.86 -25.75 1.01
N ILE A 315 19.11 -24.91 0.01
CA ILE A 315 19.87 -25.33 -1.16
C ILE A 315 21.27 -25.76 -0.77
N PHE A 316 21.88 -25.07 0.20
CA PHE A 316 23.23 -25.42 0.62
C PHE A 316 23.27 -26.54 1.66
N GLU A 317 22.17 -26.81 2.36
CA GLU A 317 22.15 -27.80 3.43
C GLU A 317 21.64 -29.15 2.97
N LEU A 318 20.49 -29.21 2.31
CA LEU A 318 19.89 -30.49 1.95
C LEU A 318 20.81 -31.37 1.12
N PRO A 319 21.48 -30.88 0.07
CA PRO A 319 22.46 -31.73 -0.60
C PRO A 319 23.56 -32.24 0.32
N LEU A 320 24.07 -31.41 1.22
CA LEU A 320 25.15 -31.85 2.09
C LEU A 320 24.65 -32.87 3.12
N VAL A 321 23.46 -32.64 3.69
CA VAL A 321 22.89 -33.59 4.63
C VAL A 321 22.63 -34.91 3.95
N MET A 322 22.05 -34.88 2.75
CA MET A 322 21.78 -36.11 2.02
C MET A 322 23.06 -36.85 1.67
N ALA A 323 24.09 -36.13 1.23
CA ALA A 323 25.35 -36.77 0.91
C ALA A 323 25.98 -37.40 2.15
N LEU A 324 25.93 -36.69 3.29
CA LEU A 324 26.51 -37.22 4.51
C LEU A 324 25.77 -38.47 4.98
N LEU A 325 24.44 -38.48 4.83
CA LEU A 325 23.69 -39.70 5.11
C LEU A 325 24.08 -40.81 4.15
N GLY A 326 24.34 -40.47 2.89
CA GLY A 326 24.70 -41.48 1.91
C GLY A 326 26.08 -42.06 2.11
N VAL A 327 26.99 -41.30 2.71
CA VAL A 327 28.32 -41.84 2.99
C VAL A 327 28.22 -43.03 3.93
N VAL A 328 27.41 -42.90 4.98
CA VAL A 328 27.18 -44.03 5.89
C VAL A 328 26.04 -44.91 5.42
N GLY A 329 25.02 -44.33 4.79
CA GLY A 329 23.94 -45.08 4.20
C GLY A 329 22.69 -45.10 5.05
N VAL A 330 21.77 -44.19 4.76
CA VAL A 330 20.44 -44.20 5.37
C VAL A 330 19.43 -44.07 4.23
N VAL A 331 19.88 -43.47 3.13
CA VAL A 331 19.04 -43.22 1.96
C VAL A 331 19.82 -43.71 0.75
N LYS A 332 19.54 -44.94 0.33
CA LYS A 332 20.13 -45.45 -0.90
C LYS A 332 19.47 -44.77 -2.10
N SER A 333 20.14 -44.83 -3.25
CA SER A 333 19.61 -44.23 -4.46
C SER A 333 18.28 -44.85 -4.87
N SER A 334 18.06 -46.13 -4.54
CA SER A 334 16.83 -46.79 -4.93
C SER A 334 15.62 -46.14 -4.26
N TRP A 335 15.74 -45.84 -2.96
CA TRP A 335 14.64 -45.20 -2.26
C TRP A 335 14.35 -43.82 -2.83
N LEU A 336 15.40 -43.05 -3.14
CA LEU A 336 15.21 -41.72 -3.71
C LEU A 336 14.55 -41.80 -5.08
N PHE A 337 14.98 -42.74 -5.92
CA PHE A 337 14.36 -42.89 -7.24
C PHE A 337 12.90 -43.30 -7.11
N ARG A 338 12.60 -44.18 -6.16
CA ARG A 338 11.22 -44.61 -5.96
C ARG A 338 10.34 -43.46 -5.47
N TYR A 339 10.86 -42.65 -4.56
CA TYR A 339 10.05 -41.62 -3.89
C TYR A 339 10.29 -40.22 -4.42
N GLN A 340 10.90 -40.08 -5.61
CA GLN A 340 11.14 -38.76 -6.17
C GLN A 340 9.85 -37.94 -6.31
N ARG A 341 8.80 -38.55 -6.84
CA ARG A 341 7.56 -37.82 -7.07
C ARG A 341 6.91 -37.38 -5.75
N HIS A 342 6.85 -38.29 -4.78
CA HIS A 342 6.30 -37.92 -3.47
C HIS A 342 7.15 -36.86 -2.79
N ALA A 343 8.47 -36.92 -2.96
CA ALA A 343 9.34 -35.91 -2.38
C ALA A 343 9.11 -34.56 -3.03
N PHE A 344 8.91 -34.54 -4.35
CA PHE A 344 8.58 -33.28 -5.01
C PHE A 344 7.28 -32.71 -4.48
N VAL A 345 6.28 -33.57 -4.29
CA VAL A 345 4.99 -33.10 -3.78
C VAL A 345 5.14 -32.55 -2.36
N VAL A 346 5.86 -33.27 -1.50
CA VAL A 346 5.99 -32.82 -0.12
C VAL A 346 6.81 -31.53 -0.04
N ALA A 347 7.80 -31.40 -0.91
CA ALA A 347 8.54 -30.14 -0.98
C ALA A 347 7.63 -29.01 -1.45
N LEU A 348 6.72 -29.29 -2.38
CA LEU A 348 5.80 -28.26 -2.83
C LEU A 348 4.84 -27.84 -1.73
N ILE A 349 4.35 -28.80 -0.93
CA ILE A 349 3.50 -28.44 0.20
C ILE A 349 4.30 -27.64 1.22
N ALA A 350 5.56 -28.00 1.46
CA ALA A 350 6.39 -27.24 2.38
C ALA A 350 6.59 -25.82 1.89
N ALA A 351 6.82 -25.65 0.59
CA ALA A 351 6.95 -24.31 0.02
C ALA A 351 5.67 -23.52 0.16
N ALA A 352 4.53 -24.19 -0.01
CA ALA A 352 3.25 -23.52 0.20
C ALA A 352 3.09 -23.07 1.65
N ILE A 353 3.52 -23.91 2.59
CA ILE A 353 3.41 -23.57 4.01
C ILE A 353 4.30 -22.37 4.34
N ILE A 354 5.54 -22.39 3.84
CA ILE A 354 6.48 -21.31 4.18
C ILE A 354 6.02 -19.99 3.57
N THR A 355 5.58 -20.01 2.32
CA THR A 355 5.15 -18.78 1.66
C THR A 355 3.89 -18.25 2.32
N PRO A 356 3.87 -16.98 2.75
CA PRO A 356 2.66 -16.44 3.39
C PRO A 356 1.57 -16.05 2.41
N THR A 357 1.90 -15.79 1.15
CA THR A 357 0.92 -15.35 0.17
C THR A 357 0.30 -16.57 -0.52
N GLY A 358 -1.03 -16.60 -0.57
CA GLY A 358 -1.73 -17.71 -1.17
C GLY A 358 -1.85 -17.60 -2.68
N ASP A 359 -0.72 -17.66 -3.36
CA ASP A 359 -0.69 -17.61 -4.82
C ASP A 359 0.22 -18.72 -5.34
N VAL A 360 -0.14 -19.25 -6.52
CA VAL A 360 0.64 -20.33 -7.11
C VAL A 360 2.01 -19.84 -7.56
N VAL A 361 2.13 -18.56 -7.92
CA VAL A 361 3.40 -18.02 -8.39
C VAL A 361 4.45 -18.10 -7.28
N ASN A 362 4.11 -17.60 -6.09
CA ASN A 362 5.04 -17.68 -4.97
C ASN A 362 5.29 -19.12 -4.57
N LEU A 363 4.29 -19.99 -4.70
CA LEU A 363 4.48 -21.40 -4.40
C LEU A 363 5.54 -22.01 -5.29
N SER A 364 5.47 -21.74 -6.60
CA SER A 364 6.48 -22.24 -7.52
C SER A 364 7.84 -21.62 -7.25
N LEU A 365 7.86 -20.31 -6.96
CA LEU A 365 9.13 -19.64 -6.68
C LEU A 365 9.83 -20.24 -5.47
N MET A 366 9.06 -20.62 -4.45
CA MET A 366 9.65 -21.24 -3.27
C MET A 366 10.03 -22.69 -3.55
N ALA A 367 9.17 -23.44 -4.26
CA ALA A 367 9.42 -24.85 -4.51
C ALA A 367 10.59 -25.07 -5.46
N GLY A 368 10.97 -24.08 -6.25
CA GLY A 368 12.11 -24.20 -7.11
C GLY A 368 13.39 -24.55 -6.38
N PRO A 369 13.75 -23.74 -5.38
CA PRO A 369 14.93 -24.07 -4.56
C PRO A 369 14.84 -25.44 -3.90
N MET A 370 13.66 -25.85 -3.44
CA MET A 370 13.53 -27.16 -2.80
C MET A 370 13.81 -28.29 -3.77
N LEU A 371 13.25 -28.20 -4.98
CA LEU A 371 13.51 -29.20 -5.99
C LEU A 371 14.98 -29.21 -6.39
N LEU A 372 15.58 -28.02 -6.51
CA LEU A 372 16.99 -27.95 -6.85
C LEU A 372 17.85 -28.60 -5.77
N ALA A 373 17.53 -28.35 -4.50
CA ALA A 373 18.26 -28.97 -3.41
C ALA A 373 18.12 -30.48 -3.43
N TYR A 374 16.91 -30.97 -3.68
CA TYR A 374 16.72 -32.41 -3.76
C TYR A 374 17.50 -33.02 -4.91
N GLU A 375 17.50 -32.36 -6.07
CA GLU A 375 18.22 -32.88 -7.22
C GLU A 375 19.73 -32.89 -6.98
N LEU A 376 20.27 -31.82 -6.40
CA LEU A 376 21.69 -31.81 -6.06
C LEU A 376 22.00 -32.89 -5.04
N GLY A 377 21.09 -33.14 -4.10
CA GLY A 377 21.32 -34.19 -3.12
C GLY A 377 21.37 -35.57 -3.75
N VAL A 378 20.43 -35.84 -4.67
CA VAL A 378 20.44 -37.15 -5.31
C VAL A 378 21.65 -37.31 -6.21
N LEU A 379 22.07 -36.24 -6.88
CA LEU A 379 23.29 -36.31 -7.69
C LEU A 379 24.50 -36.61 -6.82
N LEU A 380 24.60 -35.94 -5.66
CA LEU A 380 25.72 -36.18 -4.75
C LEU A 380 25.70 -37.61 -4.20
N VAL A 381 24.50 -38.11 -3.87
CA VAL A 381 24.39 -39.48 -3.38
C VAL A 381 24.84 -40.47 -4.44
N TRP A 382 24.39 -40.26 -5.68
CA TRP A 382 24.80 -41.16 -6.76
C TRP A 382 26.31 -41.10 -6.99
N MET A 383 26.88 -39.90 -6.96
CA MET A 383 28.33 -39.77 -7.14
C MET A 383 29.09 -40.47 -6.02
N VAL A 384 28.62 -40.33 -4.78
CA VAL A 384 29.27 -41.00 -3.66
C VAL A 384 29.20 -42.51 -3.83
N GLU A 385 28.03 -43.01 -4.23
CA GLU A 385 27.88 -44.45 -4.42
C GLU A 385 28.79 -44.96 -5.54
N ARG A 386 28.88 -44.20 -6.63
CA ARG A 386 29.76 -44.59 -7.72
C ARG A 386 31.21 -44.61 -7.29
N ARG A 387 31.63 -43.61 -6.51
CA ARG A 387 33.01 -43.60 -6.01
C ARG A 387 33.27 -44.77 -5.08
N ARG A 388 32.29 -45.10 -4.23
CA ARG A 388 32.45 -46.24 -3.34
C ARG A 388 32.56 -47.55 -4.12
N ALA A 389 31.74 -47.71 -5.16
CA ALA A 389 31.81 -48.91 -5.99
C ALA A 389 33.15 -48.99 -6.72
N ARG A 390 33.64 -47.86 -7.23
CA ARG A 390 34.94 -47.85 -7.90
C ARG A 390 36.05 -48.21 -6.94
N ASN A 391 36.00 -47.69 -5.72
CA ASN A 391 37.01 -48.03 -4.72
C ASN A 391 36.96 -49.52 -4.38
N SER A 392 35.76 -50.08 -4.25
CA SER A 392 35.60 -51.50 -3.95
C SER A 392 35.89 -52.37 -5.16
N GLY B 5 -3.69 -21.26 1.69
CA GLY B 5 -5.00 -20.82 1.22
C GLY B 5 -5.69 -21.83 0.32
N ALA B 6 -6.82 -21.43 -0.26
CA ALA B 6 -7.54 -22.33 -1.16
C ALA B 6 -6.74 -22.60 -2.43
N GLY B 7 -6.03 -21.59 -2.94
CA GLY B 7 -5.20 -21.82 -4.11
C GLY B 7 -4.07 -22.79 -3.86
N GLU B 8 -3.40 -22.66 -2.72
CA GLU B 8 -2.34 -23.61 -2.37
C GLU B 8 -2.91 -25.01 -2.20
N MET B 9 -4.08 -25.13 -1.59
CA MET B 9 -4.71 -26.42 -1.41
C MET B 9 -5.06 -27.07 -2.74
N VAL B 10 -5.65 -26.31 -3.66
CA VAL B 10 -6.00 -26.88 -4.95
C VAL B 10 -4.73 -27.22 -5.73
N PHE B 11 -3.66 -26.45 -5.54
CA PHE B 11 -2.41 -26.77 -6.23
C PHE B 11 -1.80 -28.07 -5.70
N ILE B 12 -1.78 -28.26 -4.38
CA ILE B 12 -1.21 -29.49 -3.83
C ILE B 12 -2.09 -30.68 -4.21
N LEU B 13 -3.42 -30.49 -4.23
CA LEU B 13 -4.30 -31.58 -4.65
C LEU B 13 -4.08 -31.95 -6.11
N VAL B 14 -3.93 -30.94 -6.97
CA VAL B 14 -3.68 -31.20 -8.39
C VAL B 14 -2.36 -31.93 -8.56
N ALA B 15 -1.33 -31.53 -7.81
CA ALA B 15 -0.04 -32.22 -7.90
C ALA B 15 -0.16 -33.66 -7.43
N ALA B 16 -0.90 -33.90 -6.34
CA ALA B 16 -1.06 -35.25 -5.82
C ALA B 16 -1.77 -36.14 -6.84
N LEU B 17 -2.83 -35.63 -7.45
CA LEU B 17 -3.52 -36.43 -8.47
C LEU B 17 -2.72 -36.53 -9.76
N LEU B 18 -1.79 -35.61 -9.98
CA LEU B 18 -1.04 -35.58 -11.22
C LEU B 18 0.11 -36.58 -11.21
N ILE B 19 0.83 -36.69 -10.09
CA ILE B 19 2.00 -37.57 -10.06
C ILE B 19 1.59 -39.03 -10.27
N LEU B 20 0.42 -39.42 -9.76
CA LEU B 20 -0.01 -40.81 -9.92
C LEU B 20 -0.52 -41.07 -11.33
N GLY B 21 -1.23 -40.11 -11.92
CA GLY B 21 -1.74 -40.26 -13.25
C GLY B 21 -2.95 -41.17 -13.29
N PRO B 22 -3.47 -41.43 -14.51
CA PRO B 22 -4.64 -42.30 -14.70
C PRO B 22 -4.41 -43.72 -14.22
N GLY C 5 -8.34 -19.82 2.56
CA GLY C 5 -7.95 -19.54 3.92
C GLY C 5 -8.89 -20.14 4.95
N ALA C 6 -8.67 -19.80 6.23
CA ALA C 6 -9.53 -20.32 7.28
C ALA C 6 -10.96 -19.77 7.16
N GLY C 7 -11.10 -18.51 6.76
CA GLY C 7 -12.43 -17.96 6.56
C GLY C 7 -13.19 -18.64 5.45
N GLU C 8 -12.52 -18.90 4.32
CA GLU C 8 -13.17 -19.61 3.23
C GLU C 8 -13.55 -21.03 3.66
N MET C 9 -12.68 -21.69 4.42
CA MET C 9 -12.97 -23.04 4.89
C MET C 9 -14.18 -23.05 5.81
N VAL C 10 -14.24 -22.11 6.76
CA VAL C 10 -15.39 -22.09 7.67
C VAL C 10 -16.65 -21.72 6.90
N PHE C 11 -16.53 -20.88 5.87
CA PHE C 11 -17.71 -20.55 5.07
C PHE C 11 -18.22 -21.75 4.30
N ILE C 12 -17.34 -22.52 3.67
CA ILE C 12 -17.79 -23.69 2.92
C ILE C 12 -18.34 -24.74 3.86
N LEU C 13 -17.74 -24.89 5.05
CA LEU C 13 -18.27 -25.83 6.03
C LEU C 13 -19.66 -25.41 6.52
N VAL C 14 -19.85 -24.11 6.78
CA VAL C 14 -21.15 -23.62 7.20
C VAL C 14 -22.19 -23.86 6.11
N ALA C 15 -21.81 -23.61 4.85
CA ALA C 15 -22.74 -23.86 3.75
C ALA C 15 -23.10 -25.34 3.64
N ALA C 16 -22.11 -26.22 3.79
CA ALA C 16 -22.36 -27.64 3.71
C ALA C 16 -23.30 -28.11 4.80
N LEU C 17 -23.08 -27.64 6.04
CA LEU C 17 -24.00 -28.02 7.12
C LEU C 17 -25.35 -27.32 6.99
N LEU C 18 -25.40 -26.21 6.26
CA LEU C 18 -26.63 -25.42 6.18
C LEU C 18 -27.59 -26.00 5.15
N ILE C 19 -27.08 -26.45 4.00
CA ILE C 19 -27.97 -26.94 2.95
C ILE C 19 -28.74 -28.18 3.41
N LEU C 20 -28.09 -29.04 4.21
CA LEU C 20 -28.77 -30.24 4.67
C LEU C 20 -29.76 -29.94 5.78
N GLY C 21 -29.44 -29.01 6.67
CA GLY C 21 -30.32 -28.64 7.75
C GLY C 21 -30.35 -29.69 8.84
N PRO C 22 -31.20 -29.48 9.86
CA PRO C 22 -31.33 -30.40 11.00
C PRO C 22 -31.81 -31.79 10.57
N GLY D 5 -5.11 -20.08 6.27
CA GLY D 5 -4.08 -20.38 5.28
C GLY D 5 -3.25 -21.59 5.64
N ALA D 6 -2.19 -21.84 4.88
CA ALA D 6 -1.32 -22.97 5.16
C ALA D 6 -0.58 -22.80 6.47
N GLY D 7 -0.17 -21.57 6.78
CA GLY D 7 0.50 -21.32 8.05
C GLY D 7 -0.40 -21.57 9.23
N GLU D 8 -1.65 -21.10 9.15
CA GLU D 8 -2.59 -21.37 10.24
C GLU D 8 -2.86 -22.86 10.38
N MET D 9 -2.97 -23.57 9.26
CA MET D 9 -3.20 -25.01 9.30
C MET D 9 -2.02 -25.73 9.96
N VAL D 10 -0.80 -25.39 9.57
CA VAL D 10 0.34 -26.06 10.18
C VAL D 10 0.46 -25.70 11.64
N PHE D 11 0.06 -24.48 12.02
CA PHE D 11 0.09 -24.10 13.43
C PHE D 11 -0.91 -24.90 14.24
N ILE D 12 -2.14 -25.04 13.74
CA ILE D 12 -3.14 -25.80 14.50
C ILE D 12 -2.75 -27.27 14.56
N LEU D 13 -2.16 -27.79 13.47
CA LEU D 13 -1.70 -29.19 13.50
C LEU D 13 -0.58 -29.38 14.50
N VAL D 14 0.37 -28.45 14.54
CA VAL D 14 1.47 -28.54 15.51
C VAL D 14 0.92 -28.48 16.93
N ALA D 15 -0.05 -27.59 17.17
CA ALA D 15 -0.65 -27.51 18.51
C ALA D 15 -1.36 -28.81 18.88
N ALA D 16 -2.09 -29.39 17.93
CA ALA D 16 -2.81 -30.63 18.20
C ALA D 16 -1.84 -31.76 18.53
N LEU D 17 -0.75 -31.88 17.77
CA LEU D 17 0.22 -32.92 18.09
C LEU D 17 1.03 -32.59 19.33
N LEU D 18 1.09 -31.31 19.71
CA LEU D 18 1.90 -30.89 20.84
C LEU D 18 1.20 -31.14 22.17
N ILE D 19 -0.10 -30.88 22.25
CA ILE D 19 -0.80 -31.01 23.53
C ILE D 19 -0.80 -32.46 23.99
N LEU D 20 -0.89 -33.41 23.05
CA LEU D 20 -0.91 -34.81 23.45
C LEU D 20 0.48 -35.32 23.82
N GLY D 21 1.51 -34.85 23.12
CA GLY D 21 2.87 -35.26 23.41
C GLY D 21 3.16 -36.66 22.93
N PRO D 22 4.38 -37.15 23.22
CA PRO D 22 4.82 -38.49 22.82
C PRO D 22 3.95 -39.60 23.44
N ASP E 5 -16.38 -40.56 -8.58
CA ASP E 5 -16.14 -41.96 -8.30
C ASP E 5 -14.71 -42.35 -8.65
N HIS E 6 -14.54 -42.98 -9.81
CA HIS E 6 -13.22 -43.39 -10.25
C HIS E 6 -12.38 -42.19 -10.66
N LEU E 7 -11.05 -42.39 -10.65
CA LEU E 7 -10.10 -41.33 -10.95
C LEU E 7 -9.53 -41.42 -12.37
N THR E 8 -9.48 -42.62 -12.96
CA THR E 8 -8.62 -42.88 -14.10
C THR E 8 -8.84 -41.87 -15.24
N GLU E 9 -10.04 -41.87 -15.81
CA GLU E 9 -10.32 -40.99 -16.94
C GLU E 9 -10.37 -39.53 -16.53
N LEU E 10 -10.97 -39.26 -15.36
CA LEU E 10 -10.99 -37.89 -14.85
C LEU E 10 -9.58 -37.35 -14.64
N ARG E 11 -8.71 -38.15 -14.01
CA ARG E 11 -7.34 -37.71 -13.77
C ARG E 11 -6.58 -37.51 -15.08
N SER E 12 -6.75 -38.44 -16.02
CA SER E 12 -6.05 -38.32 -17.30
C SER E 12 -6.47 -37.05 -18.05
N ARG E 13 -7.78 -36.76 -18.06
CA ARG E 13 -8.23 -35.62 -18.84
C ARG E 13 -7.95 -34.31 -18.11
N LEU E 14 -7.93 -34.35 -16.77
CA LEU E 14 -7.46 -33.20 -16.00
C LEU E 14 -5.99 -32.93 -16.30
N MET E 15 -5.20 -33.99 -16.46
CA MET E 15 -3.80 -33.82 -16.86
C MET E 15 -3.69 -33.20 -18.24
N ARG E 16 -4.58 -33.62 -19.16
CA ARG E 16 -4.60 -33.00 -20.49
C ARG E 16 -4.89 -31.51 -20.38
N ALA E 17 -5.89 -31.15 -19.59
CA ALA E 17 -6.22 -29.74 -19.40
C ALA E 17 -5.05 -28.98 -18.77
N THR E 18 -4.38 -29.58 -17.79
CA THR E 18 -3.27 -28.94 -17.12
C THR E 18 -2.09 -28.71 -18.06
N ILE E 19 -1.77 -29.71 -18.89
CA ILE E 19 -0.64 -29.53 -19.82
C ILE E 19 -0.99 -28.49 -20.88
N ALA E 20 -2.26 -28.46 -21.31
CA ALA E 20 -2.68 -27.40 -22.23
C ALA E 20 -2.54 -26.03 -21.58
N VAL E 21 -2.96 -25.89 -20.33
CA VAL E 21 -2.81 -24.63 -19.62
C VAL E 21 -1.34 -24.24 -19.54
N LEU E 22 -0.47 -25.22 -19.25
CA LEU E 22 0.95 -24.92 -19.13
C LEU E 22 1.54 -24.41 -20.43
N ILE E 23 1.23 -25.09 -21.55
CA ILE E 23 1.84 -24.67 -22.82
C ILE E 23 1.29 -23.32 -23.25
N LEU E 24 -0.02 -23.11 -23.12
CA LEU E 24 -0.57 -21.82 -23.52
C LEU E 24 -0.12 -20.69 -22.60
N GLY E 25 0.13 -20.97 -21.32
CA GLY E 25 0.73 -19.96 -20.46
C GLY E 25 2.16 -19.65 -20.84
N THR E 26 2.91 -20.68 -21.26
CA THR E 26 4.27 -20.44 -21.73
C THR E 26 4.29 -19.54 -22.96
N ILE E 27 3.40 -19.81 -23.92
CA ILE E 27 3.36 -18.96 -25.11
C ILE E 27 2.84 -17.57 -24.77
N SER E 28 1.84 -17.47 -23.90
CA SER E 28 1.25 -16.18 -23.60
C SER E 28 2.13 -15.32 -22.70
N LEU E 29 3.10 -15.92 -22.01
CA LEU E 29 4.01 -15.13 -21.18
C LEU E 29 4.89 -14.20 -22.01
N VAL E 30 5.06 -14.49 -23.30
CA VAL E 30 5.86 -13.62 -24.16
C VAL E 30 5.20 -12.25 -24.26
N PHE E 31 3.89 -12.21 -24.42
CA PHE E 31 3.14 -10.97 -24.56
C PHE E 31 2.44 -10.56 -23.28
N ALA E 32 3.04 -10.87 -22.12
CA ALA E 32 2.40 -10.54 -20.85
C ALA E 32 2.27 -9.04 -20.66
N LYS E 33 3.30 -8.27 -21.03
CA LYS E 33 3.26 -6.83 -20.84
C LYS E 33 2.20 -6.13 -21.69
N PRO E 34 2.07 -6.39 -23.00
CA PRO E 34 0.97 -5.74 -23.74
C PRO E 34 -0.40 -6.12 -23.23
N ILE E 35 -0.60 -7.38 -22.82
CA ILE E 35 -1.88 -7.80 -22.28
C ILE E 35 -2.16 -7.07 -20.97
N PHE E 36 -1.14 -6.92 -20.13
CA PHE E 36 -1.31 -6.18 -18.89
C PHE E 36 -1.66 -4.73 -19.15
N GLY E 37 -1.02 -4.11 -20.14
CA GLY E 37 -1.37 -2.75 -20.50
C GLY E 37 -2.79 -2.61 -20.98
N LEU E 38 -3.23 -3.55 -21.83
CA LEU E 38 -4.61 -3.53 -22.29
C LEU E 38 -5.59 -3.71 -21.13
N LEU E 39 -5.26 -4.60 -20.20
CA LEU E 39 -6.12 -4.83 -19.05
C LEU E 39 -6.19 -3.60 -18.15
N MET E 40 -5.07 -2.89 -18.00
CA MET E 40 -5.02 -1.74 -17.10
C MET E 40 -5.49 -0.44 -17.75
N GLN E 41 -5.70 -0.42 -19.07
CA GLN E 41 -6.20 0.79 -19.70
C GLN E 41 -7.53 1.27 -19.12
N PRO E 42 -8.53 0.41 -18.88
CA PRO E 42 -9.80 0.94 -18.31
C PRO E 42 -9.64 1.57 -16.93
N VAL E 43 -8.95 0.92 -16.01
CA VAL E 43 -8.81 1.47 -14.66
C VAL E 43 -8.01 2.75 -14.68
N LEU E 44 -6.94 2.80 -15.49
CA LEU E 44 -6.16 4.02 -15.62
C LEU E 44 -7.00 5.15 -16.21
N ASP E 45 -7.84 4.83 -17.21
CA ASP E 45 -8.71 5.85 -17.78
C ASP E 45 -9.71 6.37 -16.76
N ALA E 46 -10.21 5.48 -15.89
CA ALA E 46 -11.11 5.92 -14.84
C ALA E 46 -10.43 6.80 -13.81
N LEU E 47 -9.12 6.69 -13.67
CA LEU E 47 -8.37 7.52 -12.72
C LEU E 47 -8.23 8.95 -13.25
N PRO E 48 -8.06 9.92 -12.37
CA PRO E 48 -7.85 11.29 -12.84
C PRO E 48 -6.57 11.39 -13.64
N PRO E 49 -6.53 12.29 -14.65
CA PRO E 49 -5.31 12.44 -15.44
C PRO E 49 -4.10 12.86 -14.64
N GLU E 50 -4.29 13.66 -13.59
CA GLU E 50 -3.17 14.12 -12.79
C GLU E 50 -2.59 13.03 -11.90
N ASN E 51 -3.37 12.00 -11.58
CA ASN E 51 -2.93 10.89 -10.74
C ASN E 51 -3.16 9.56 -11.44
N ARG E 52 -2.99 9.54 -12.76
CA ARG E 52 -3.14 8.32 -13.55
C ARG E 52 -1.91 7.45 -13.32
N SER E 53 -1.92 6.73 -12.20
CA SER E 53 -0.77 5.91 -11.85
C SER E 53 -1.21 4.76 -10.95
N LEU E 54 -0.41 3.71 -10.96
CA LEU E 54 -0.59 2.53 -10.12
C LEU E 54 0.71 2.26 -9.37
N ILE E 55 0.61 1.87 -8.11
CA ILE E 55 1.78 1.59 -7.29
C ILE E 55 1.96 0.08 -7.20
N TYR E 56 3.20 -0.34 -6.95
CA TYR E 56 3.48 -1.74 -6.67
C TYR E 56 4.14 -1.86 -5.31
N THR E 57 3.53 -2.68 -4.45
CA THR E 57 3.97 -2.80 -3.07
C THR E 57 5.26 -3.60 -2.95
N SER E 58 5.38 -4.70 -3.68
CA SER E 58 6.52 -5.60 -3.57
C SER E 58 7.44 -5.45 -4.77
N GLY E 59 8.68 -5.90 -4.58
CA GLY E 59 9.66 -5.86 -5.65
C GLY E 59 9.45 -6.89 -6.74
N ILE E 60 8.75 -7.98 -6.43
CA ILE E 60 8.46 -9.01 -7.42
C ILE E 60 7.04 -8.89 -7.95
N GLU E 61 6.38 -7.76 -7.72
CA GLU E 61 5.00 -7.61 -8.16
C GLU E 61 4.88 -7.53 -9.67
N GLU E 62 5.91 -7.00 -10.35
CA GLU E 62 5.95 -7.11 -11.80
C GLU E 62 5.94 -8.58 -12.24
N LEU E 63 6.80 -9.40 -11.63
CA LEU E 63 6.86 -10.81 -11.99
C LEU E 63 5.56 -11.52 -11.64
N ASN E 64 4.99 -11.24 -10.47
CA ASN E 64 3.74 -11.87 -10.08
C ASN E 64 2.61 -11.49 -11.03
N VAL E 65 2.54 -10.22 -11.41
CA VAL E 65 1.50 -9.76 -12.33
C VAL E 65 1.65 -10.42 -13.68
N LEU E 66 2.88 -10.49 -14.19
CA LEU E 66 3.11 -11.12 -15.49
C LEU E 66 2.77 -12.60 -15.43
N MET E 67 3.14 -13.29 -14.35
CA MET E 67 2.83 -14.71 -14.23
C MET E 67 1.33 -14.94 -14.13
N LYS E 68 0.63 -14.08 -13.38
CA LYS E 68 -0.82 -14.23 -13.27
C LYS E 68 -1.49 -13.98 -14.60
N VAL E 69 -1.02 -12.98 -15.35
CA VAL E 69 -1.58 -12.72 -16.68
C VAL E 69 -1.35 -13.90 -17.59
N GLY E 70 -0.15 -14.50 -17.55
CA GLY E 70 0.12 -15.67 -18.36
C GLY E 70 -0.75 -16.86 -17.99
N VAL E 71 -0.91 -17.11 -16.69
CA VAL E 71 -1.71 -18.23 -16.23
C VAL E 71 -3.17 -18.05 -16.65
N TYR E 72 -3.70 -16.84 -16.48
CA TYR E 72 -5.09 -16.60 -16.83
C TYR E 72 -5.30 -16.61 -18.34
N ALA E 73 -4.32 -16.13 -19.11
CA ALA E 73 -4.39 -16.26 -20.55
C ALA E 73 -4.40 -17.72 -20.98
N GLY E 74 -3.58 -18.54 -20.33
CA GLY E 74 -3.59 -19.96 -20.63
C GLY E 74 -4.92 -20.61 -20.30
N ILE E 75 -5.51 -20.26 -19.16
CA ILE E 75 -6.77 -20.87 -18.78
C ILE E 75 -7.91 -20.34 -19.64
N PHE E 76 -7.78 -19.14 -20.19
CA PHE E 76 -8.78 -18.61 -21.09
C PHE E 76 -8.70 -19.27 -22.46
N LEU E 77 -7.48 -19.43 -22.99
CA LEU E 77 -7.30 -20.03 -24.30
C LEU E 77 -7.38 -21.55 -24.29
N THR E 78 -7.46 -22.17 -23.12
CA THR E 78 -7.66 -23.61 -23.03
C THR E 78 -9.14 -23.98 -22.91
N THR E 79 -10.04 -23.00 -22.90
CA THR E 79 -11.46 -23.31 -22.83
C THR E 79 -11.92 -24.25 -23.93
N PRO E 80 -11.52 -24.10 -25.19
CA PRO E 80 -11.86 -25.15 -26.17
C PRO E 80 -11.35 -26.52 -25.78
N VAL E 81 -10.16 -26.60 -25.17
CA VAL E 81 -9.61 -27.90 -24.77
C VAL E 81 -10.50 -28.54 -23.71
N ILE E 82 -10.87 -27.77 -22.68
CA ILE E 82 -11.72 -28.34 -21.64
C ILE E 82 -13.10 -28.67 -22.20
N LEU E 83 -13.57 -27.93 -23.21
CA LEU E 83 -14.84 -28.26 -23.84
C LEU E 83 -14.76 -29.60 -24.56
N MET E 84 -13.68 -29.85 -25.30
CA MET E 84 -13.52 -31.15 -25.94
C MET E 84 -13.41 -32.25 -24.89
N GLN E 85 -12.70 -31.99 -23.80
CA GLN E 85 -12.59 -32.99 -22.74
C GLN E 85 -13.96 -33.32 -22.16
N ILE E 86 -14.77 -32.30 -21.90
CA ILE E 86 -16.10 -32.51 -21.36
C ILE E 86 -16.97 -33.28 -22.34
N TRP E 87 -16.91 -32.92 -23.62
CA TRP E 87 -17.72 -33.60 -24.63
C TRP E 87 -17.33 -35.06 -24.74
N GLY E 88 -16.03 -35.36 -24.76
CA GLY E 88 -15.59 -36.74 -24.79
C GLY E 88 -15.96 -37.51 -23.54
N PHE E 89 -15.95 -36.83 -22.39
CA PHE E 89 -16.20 -37.52 -21.12
C PHE E 89 -17.58 -38.17 -21.11
N VAL E 90 -18.58 -37.49 -21.65
CA VAL E 90 -19.92 -38.04 -21.79
C VAL E 90 -20.13 -38.38 -23.26
N SER E 91 -20.05 -39.66 -23.58
CA SER E 91 -20.27 -40.12 -24.95
C SER E 91 -20.64 -41.59 -24.94
N PRO E 92 -21.84 -41.94 -24.46
CA PRO E 92 -22.25 -43.35 -24.44
C PRO E 92 -22.70 -43.83 -25.81
N GLY E 93 -22.41 -43.02 -26.83
CA GLY E 93 -22.96 -43.22 -28.16
C GLY E 93 -23.93 -42.11 -28.46
N LEU E 94 -24.73 -41.75 -27.46
CA LEU E 94 -25.64 -40.61 -27.53
C LEU E 94 -26.52 -40.68 -28.77
N TYR E 95 -26.94 -41.88 -29.14
CA TYR E 95 -27.69 -42.10 -30.38
C TYR E 95 -26.89 -41.50 -31.53
N PRO E 96 -25.85 -42.19 -32.01
CA PRO E 96 -24.74 -41.54 -32.74
C PRO E 96 -25.15 -40.55 -33.82
N GLU E 97 -26.42 -40.56 -34.24
CA GLU E 97 -26.92 -39.46 -35.06
C GLU E 97 -26.82 -38.12 -34.31
N GLU E 98 -26.74 -38.16 -32.98
CA GLU E 98 -26.60 -36.95 -32.17
C GLU E 98 -25.20 -36.81 -31.56
N ARG E 99 -24.37 -37.84 -31.64
CA ARG E 99 -23.01 -37.75 -31.11
C ARG E 99 -22.07 -36.99 -32.03
N ARG E 100 -22.44 -36.80 -33.30
CA ARG E 100 -21.60 -36.07 -34.23
C ARG E 100 -21.53 -34.58 -33.93
N PHE E 101 -22.38 -34.07 -33.04
CA PHE E 101 -22.43 -32.64 -32.74
C PHE E 101 -21.39 -32.29 -31.67
N ALA E 102 -20.14 -32.60 -31.98
CA ALA E 102 -19.01 -32.26 -31.12
C ALA E 102 -18.44 -30.89 -31.46
N ALA E 103 -18.04 -30.70 -32.72
CA ALA E 103 -17.55 -29.41 -33.15
C ALA E 103 -18.54 -28.27 -32.88
N PRO E 104 -19.84 -28.41 -33.13
CA PRO E 104 -20.75 -27.34 -32.71
C PRO E 104 -20.67 -27.03 -31.23
N PHE E 105 -20.56 -28.06 -30.38
CA PHE E 105 -20.47 -27.83 -28.95
C PHE E 105 -19.24 -27.04 -28.58
N VAL E 106 -18.07 -27.50 -29.04
CA VAL E 106 -16.83 -26.83 -28.68
C VAL E 106 -16.80 -25.41 -29.23
N ALA E 107 -17.21 -25.23 -30.49
CA ALA E 107 -17.19 -23.91 -31.09
C ALA E 107 -18.13 -22.96 -30.34
N PHE E 108 -19.35 -23.41 -30.06
CA PHE E 108 -20.31 -22.54 -29.40
C PHE E 108 -19.84 -22.16 -28.00
N GLY E 109 -19.28 -23.12 -27.25
CA GLY E 109 -18.73 -22.79 -25.95
C GLY E 109 -17.59 -21.80 -26.02
N SER E 110 -16.69 -21.99 -26.99
CA SER E 110 -15.54 -21.10 -27.13
C SER E 110 -15.98 -19.68 -27.45
N ILE E 111 -16.86 -19.52 -28.44
CA ILE E 111 -17.31 -18.16 -28.78
C ILE E 111 -18.17 -17.58 -27.66
N ALA E 112 -18.89 -18.41 -26.91
CA ALA E 112 -19.65 -17.90 -25.77
C ALA E 112 -18.72 -17.30 -24.73
N PHE E 113 -17.65 -18.02 -24.40
CA PHE E 113 -16.69 -17.49 -23.43
C PHE E 113 -16.01 -16.25 -23.95
N LEU E 114 -15.64 -16.24 -25.23
CA LEU E 114 -14.97 -15.08 -25.80
C LEU E 114 -15.89 -13.85 -25.79
N LEU E 115 -17.15 -14.03 -26.17
CA LEU E 115 -18.09 -12.93 -26.16
C LEU E 115 -18.36 -12.45 -24.74
N GLY E 116 -18.45 -13.38 -23.78
CA GLY E 116 -18.63 -12.96 -22.41
C GLY E 116 -17.47 -12.14 -21.90
N ALA E 117 -16.24 -12.59 -22.19
CA ALA E 117 -15.06 -11.83 -21.77
C ALA E 117 -15.01 -10.45 -22.44
N ALA E 118 -15.30 -10.40 -23.74
CA ALA E 118 -15.27 -9.13 -24.45
C ALA E 118 -16.32 -8.16 -23.92
N PHE E 119 -17.53 -8.65 -23.68
CA PHE E 119 -18.57 -7.78 -23.16
C PHE E 119 -18.22 -7.33 -21.75
N ALA E 120 -17.74 -8.25 -20.92
CA ALA E 120 -17.23 -7.89 -19.60
C ALA E 120 -16.29 -6.71 -19.70
N TYR E 121 -15.20 -6.87 -20.46
CA TYR E 121 -14.21 -5.83 -20.61
C TYR E 121 -14.88 -4.54 -21.05
N PHE E 122 -15.40 -4.53 -22.27
CA PHE E 122 -15.80 -3.29 -22.93
C PHE E 122 -16.92 -2.57 -22.16
N ALA E 123 -17.94 -3.30 -21.74
CA ALA E 123 -19.05 -2.65 -21.05
C ALA E 123 -18.75 -2.44 -19.57
N VAL E 124 -18.50 -3.52 -18.84
CA VAL E 124 -18.46 -3.44 -17.39
C VAL E 124 -17.25 -2.63 -16.92
N LEU E 125 -16.05 -2.93 -17.44
CA LEU E 125 -14.85 -2.39 -16.81
C LEU E 125 -14.83 -0.86 -16.78
N PRO E 126 -15.00 -0.14 -17.89
CA PRO E 126 -14.99 1.33 -17.79
C PRO E 126 -16.09 1.86 -16.91
N SER E 127 -17.32 1.35 -17.06
CA SER E 127 -18.45 1.87 -16.32
C SER E 127 -18.27 1.67 -14.82
N MET E 128 -17.90 0.47 -14.40
CA MET E 128 -17.81 0.23 -12.97
C MET E 128 -16.59 0.92 -12.37
N PHE E 129 -15.47 0.94 -13.10
CA PHE E 129 -14.30 1.64 -12.59
C PHE E 129 -14.55 3.14 -12.51
N THR E 130 -15.42 3.68 -13.36
CA THR E 130 -15.87 5.05 -13.18
C THR E 130 -16.76 5.18 -11.96
N PHE E 131 -17.61 4.18 -11.72
CA PHE E 131 -18.50 4.25 -10.56
C PHE E 131 -17.73 4.26 -9.25
N LEU E 132 -16.73 3.39 -9.10
CA LEU E 132 -15.99 3.32 -7.85
C LEU E 132 -14.86 4.34 -7.79
N LEU E 133 -13.92 4.28 -8.74
CA LEU E 133 -12.74 5.12 -8.68
C LEU E 133 -13.01 6.50 -9.27
N ASN E 134 -14.03 7.19 -8.76
CA ASN E 134 -14.31 8.55 -9.16
C ASN E 134 -15.21 9.17 -8.11
N GLU E 135 -14.85 10.34 -7.62
CA GLU E 135 -15.62 11.03 -6.58
C GLU E 135 -16.56 12.07 -7.16
N GLU E 136 -16.06 12.90 -8.09
CA GLU E 136 -16.88 13.83 -8.87
C GLU E 136 -17.50 14.93 -8.00
N GLU E 137 -17.31 14.85 -6.70
CA GLU E 137 -17.73 15.90 -5.78
C GLU E 137 -16.55 16.56 -5.09
N THR E 138 -15.58 15.78 -4.62
CA THR E 138 -14.33 16.33 -4.12
C THR E 138 -13.40 16.75 -5.25
N LEU E 139 -13.48 16.10 -6.41
CA LEU E 139 -12.69 16.53 -7.56
C LEU E 139 -13.15 17.89 -8.08
N ALA E 140 -14.46 18.12 -8.14
CA ALA E 140 -14.97 19.42 -8.57
C ALA E 140 -14.54 20.52 -7.60
N LEU E 141 -14.63 20.24 -6.30
CA LEU E 141 -14.20 21.21 -5.29
C LEU E 141 -12.70 21.46 -5.37
N GLU E 142 -11.92 20.41 -5.62
CA GLU E 142 -10.47 20.58 -5.78
C GLU E 142 -10.15 21.42 -7.01
N GLN E 143 -10.87 21.20 -8.11
CA GLN E 143 -10.65 22.01 -9.30
C GLN E 143 -11.04 23.47 -9.05
N ARG E 144 -12.14 23.69 -8.32
CA ARG E 144 -12.52 25.05 -7.98
C ARG E 144 -11.48 25.72 -7.11
N LEU E 145 -10.91 24.98 -6.16
CA LEU E 145 -9.85 25.51 -5.32
C LEU E 145 -8.59 25.83 -6.12
N ASP E 146 -8.24 24.96 -7.07
CA ASP E 146 -7.09 25.23 -7.93
C ASP E 146 -7.30 26.47 -8.78
N THR E 147 -8.52 26.62 -9.34
CA THR E 147 -8.83 27.81 -10.10
C THR E 147 -8.76 29.06 -9.23
N ALA E 148 -9.29 28.99 -8.01
CA ALA E 148 -9.23 30.12 -7.11
C ALA E 148 -7.78 30.47 -6.76
N ARG E 149 -6.94 29.46 -6.58
CA ARG E 149 -5.52 29.69 -6.35
C ARG E 149 -4.87 30.36 -7.56
N LEU E 150 -5.29 29.98 -8.76
CA LEU E 150 -4.76 30.62 -9.97
C LEU E 150 -5.16 32.09 -10.02
N ARG E 151 -6.42 32.40 -9.70
CA ARG E 151 -6.84 33.80 -9.68
C ARG E 151 -6.10 34.59 -8.60
N ALA E 152 -5.87 33.97 -7.44
CA ALA E 152 -5.09 34.62 -6.40
C ALA E 152 -3.67 34.89 -6.86
N ASP E 153 -3.08 33.95 -7.59
CA ASP E 153 -1.74 34.14 -8.13
C ASP E 153 -1.72 35.29 -9.13
N ASP E 154 -2.75 35.40 -9.97
CA ASP E 154 -2.83 36.51 -10.90
C ASP E 154 -2.96 37.84 -10.16
N ALA E 155 -3.76 37.86 -9.09
CA ALA E 155 -3.87 39.07 -8.28
C ALA E 155 -2.54 39.43 -7.64
N LEU E 156 -1.80 38.43 -7.18
CA LEU E 156 -0.47 38.68 -6.61
C LEU E 156 0.49 39.22 -7.66
N ARG E 157 0.41 38.73 -8.90
CA ARG E 157 1.23 39.28 -9.96
C ARG E 157 0.86 40.74 -10.24
N PHE E 158 -0.44 41.04 -10.23
CA PHE E 158 -0.87 42.43 -10.41
C PHE E 158 -0.34 43.31 -9.28
N LEU E 159 -0.31 42.78 -8.06
CA LEU E 159 0.30 43.50 -6.95
C LEU E 159 1.79 43.71 -7.17
N ARG E 160 2.49 42.67 -7.64
CA ARG E 160 3.91 42.75 -7.93
C ARG E 160 4.21 43.79 -9.01
N LEU E 161 3.24 44.06 -9.88
CA LEU E 161 3.37 45.09 -10.90
C LEU E 161 2.96 46.46 -10.40
N GLY E 162 2.62 46.59 -9.12
CA GLY E 162 2.19 47.85 -8.57
C GLY E 162 0.74 48.21 -8.84
N GLU E 163 -0.06 47.28 -9.34
CA GLU E 163 -1.47 47.51 -9.64
C GLU E 163 -2.30 46.97 -8.49
N ALA E 164 -2.56 47.82 -7.50
CA ALA E 164 -3.36 47.40 -6.35
C ALA E 164 -4.85 47.32 -6.69
N GLU E 165 -5.33 48.19 -7.58
CA GLU E 165 -6.76 48.20 -7.90
C GLU E 165 -7.17 46.90 -8.60
N GLU E 166 -6.41 46.48 -9.60
CA GLU E 166 -6.72 45.25 -10.31
C GLU E 166 -6.60 44.04 -9.40
N ALA E 167 -5.58 44.02 -8.55
CA ALA E 167 -5.43 42.93 -7.60
C ALA E 167 -6.60 42.85 -6.65
N GLY E 168 -7.05 43.99 -6.12
CA GLY E 168 -8.21 43.98 -5.25
C GLY E 168 -9.47 43.55 -5.96
N ARG E 169 -9.64 43.98 -7.21
CA ARG E 169 -10.81 43.56 -7.99
C ARG E 169 -10.83 42.05 -8.19
N ILE E 170 -9.68 41.48 -8.56
CA ILE E 170 -9.61 40.03 -8.76
C ILE E 170 -9.84 39.30 -7.45
N ALA E 171 -9.28 39.82 -6.35
CA ALA E 171 -9.47 39.18 -5.06
C ALA E 171 -10.94 39.18 -4.65
N LYS E 172 -11.63 40.31 -4.84
CA LYS E 172 -13.05 40.38 -4.51
C LYS E 172 -13.86 39.43 -5.37
N GLU E 173 -13.57 39.38 -6.67
CA GLU E 173 -14.30 38.48 -7.55
C GLU E 173 -14.10 37.02 -7.14
N THR E 174 -12.85 36.64 -6.83
CA THR E 174 -12.58 35.26 -6.43
C THR E 174 -13.25 34.93 -5.11
N SER E 175 -13.25 35.86 -4.16
CA SER E 175 -13.91 35.61 -2.89
C SER E 175 -15.42 35.43 -3.09
N THR E 176 -16.02 36.28 -3.93
CA THR E 176 -17.45 36.14 -4.22
C THR E 176 -17.74 34.80 -4.88
N GLN E 177 -16.91 34.40 -5.85
CA GLN E 177 -17.12 33.13 -6.53
C GLN E 177 -17.00 31.96 -5.57
N LEU E 178 -16.01 32.00 -4.68
CA LEU E 178 -15.83 30.92 -3.71
C LEU E 178 -17.01 30.85 -2.74
N ARG E 179 -17.48 32.01 -2.27
CA ARG E 179 -18.60 32.03 -1.34
C ARG E 179 -19.88 31.54 -2.00
N ALA E 180 -20.09 31.90 -3.27
CA ALA E 180 -21.29 31.47 -3.98
C ALA E 180 -21.34 29.95 -4.10
N GLU E 181 -20.21 29.33 -4.41
CA GLU E 181 -20.15 27.88 -4.54
C GLU E 181 -19.46 27.25 -3.33
N PRO E 193 -11.50 21.65 10.58
CA PRO E 193 -10.08 21.88 10.30
C PRO E 193 -9.28 22.12 11.57
N ALA E 194 -8.11 21.49 11.67
CA ALA E 194 -7.26 21.66 12.84
C ALA E 194 -6.71 23.08 12.89
N ALA E 195 -6.51 23.57 14.11
CA ALA E 195 -5.99 24.93 14.28
C ALA E 195 -4.57 25.06 13.74
N SER E 196 -3.74 24.06 13.98
CA SER E 196 -2.35 24.14 13.52
C SER E 196 -2.26 24.18 12.00
N VAL E 197 -3.05 23.35 11.31
CA VAL E 197 -3.02 23.33 9.85
C VAL E 197 -3.49 24.66 9.29
N GLU E 198 -4.57 25.21 9.85
CA GLU E 198 -5.08 26.50 9.37
C GLU E 198 -4.08 27.62 9.62
N MET E 199 -3.40 27.59 10.77
CA MET E 199 -2.38 28.59 11.04
C MET E 199 -1.20 28.47 10.08
N THR E 200 -0.81 27.23 9.76
CA THR E 200 0.27 27.04 8.78
C THR E 200 -0.12 27.59 7.42
N GLY E 201 -1.35 27.31 6.98
CA GLY E 201 -1.81 27.82 5.70
C GLY E 201 -1.89 29.34 5.69
N ARG E 202 -2.35 29.93 6.79
CA ARG E 202 -2.42 31.39 6.88
C ARG E 202 -1.02 31.99 6.88
N LEU E 203 -0.05 31.34 7.54
CA LEU E 203 1.32 31.83 7.51
C LEU E 203 1.88 31.78 6.09
N ASP E 204 1.60 30.70 5.35
CA ASP E 204 2.06 30.63 3.97
C ASP E 204 1.41 31.72 3.12
N GLY E 205 0.12 31.97 3.32
CA GLY E 205 -0.55 33.03 2.58
C GLY E 205 0.01 34.40 2.90
N LEU E 206 0.30 34.66 4.17
CA LEU E 206 0.90 35.93 4.55
C LEU E 206 2.29 36.08 3.93
N GLY E 207 3.07 34.99 3.91
CA GLY E 207 4.36 35.04 3.26
C GLY E 207 4.26 35.36 1.79
N ARG E 208 3.29 34.74 1.11
CA ARG E 208 3.08 35.03 -0.31
C ARG E 208 2.71 36.50 -0.53
N LEU E 209 1.78 37.01 0.29
CA LEU E 209 1.37 38.41 0.15
C LEU E 209 2.53 39.37 0.43
N LEU E 210 3.32 39.07 1.45
CA LEU E 210 4.48 39.90 1.78
C LEU E 210 5.51 39.88 0.66
N ASP E 211 5.75 38.71 0.07
CA ASP E 211 6.69 38.63 -1.04
C ASP E 211 6.19 39.44 -2.24
N ALA E 212 4.89 39.33 -2.53
CA ALA E 212 4.34 40.11 -3.65
C ALA E 212 4.47 41.60 -3.40
N ALA E 213 4.16 42.04 -2.17
CA ALA E 213 4.27 43.46 -1.85
C ALA E 213 5.72 43.92 -1.89
N SER E 214 6.65 43.09 -1.44
CA SER E 214 8.06 43.44 -1.48
C SER E 214 8.56 43.59 -2.92
N VAL E 215 8.11 42.71 -3.81
CA VAL E 215 8.48 42.83 -5.21
C VAL E 215 7.86 44.08 -5.83
N GLY E 216 6.61 44.37 -5.48
CA GLY E 216 5.91 45.47 -6.11
C GLY E 216 6.28 46.86 -5.60
N TYR E 217 6.02 47.12 -4.32
CA TYR E 217 6.25 48.43 -3.72
C TYR E 217 7.53 48.48 -2.89
N GLY E 218 8.48 47.60 -3.19
CA GLY E 218 9.71 47.55 -2.42
C GLY E 218 10.72 48.61 -2.74
N ALA E 219 10.45 49.46 -3.73
CA ALA E 219 11.37 50.55 -4.07
C ALA E 219 11.12 51.81 -3.26
N GLN E 220 9.89 52.01 -2.78
CA GLN E 220 9.54 53.22 -2.04
C GLN E 220 9.16 52.94 -0.60
N SER E 221 8.24 52.02 -0.36
CA SER E 221 7.74 51.75 0.99
C SER E 221 8.57 50.69 1.71
N ARG E 222 9.89 50.91 1.76
CA ARG E 222 10.76 49.95 2.41
C ARG E 222 10.64 49.97 3.93
N GLY E 223 10.06 51.03 4.49
CA GLY E 223 9.93 51.13 5.94
C GLY E 223 8.69 50.47 6.50
N VAL E 224 7.67 50.28 5.67
CA VAL E 224 6.43 49.66 6.14
C VAL E 224 6.45 48.15 5.98
N LEU E 225 7.02 47.64 4.89
CA LEU E 225 7.17 46.20 4.77
C LEU E 225 8.11 45.65 5.84
N ARG E 226 9.05 46.47 6.33
CA ARG E 226 9.89 46.01 7.43
C ARG E 226 9.05 45.74 8.68
N GLN E 227 8.15 46.66 9.01
CA GLN E 227 7.26 46.46 10.14
C GLN E 227 6.35 45.25 9.92
N ALA E 228 5.85 45.09 8.70
CA ALA E 228 5.01 43.93 8.40
C ALA E 228 5.77 42.63 8.59
N VAL E 229 7.03 42.59 8.16
CA VAL E 229 7.84 41.38 8.32
C VAL E 229 8.14 41.13 9.79
N GLU E 230 8.37 42.20 10.56
CA GLU E 230 8.56 42.01 12.01
C GLU E 230 7.32 41.43 12.66
N LYS E 231 6.14 41.90 12.25
CA LYS E 231 4.90 41.34 12.78
C LYS E 231 4.75 39.88 12.36
N ARG E 232 5.17 39.54 11.15
CA ARG E 232 5.14 38.14 10.74
C ARG E 232 6.10 37.30 11.56
N VAL E 233 7.25 37.86 11.92
CA VAL E 233 8.19 37.17 12.80
C VAL E 233 7.55 36.92 14.17
N GLU E 234 6.81 37.91 14.67
CA GLU E 234 6.07 37.71 15.91
C GLU E 234 5.04 36.60 15.77
N ALA E 235 4.38 36.53 14.61
CA ALA E 235 3.43 35.46 14.34
C ALA E 235 4.11 34.09 14.36
N VAL E 236 5.29 34.00 13.75
CA VAL E 236 6.01 32.73 13.76
C VAL E 236 6.43 32.35 15.17
N THR E 237 6.83 33.34 15.97
CA THR E 237 7.18 33.07 17.36
C THR E 237 5.98 32.55 18.14
N ALA E 238 4.82 33.19 17.97
CA ALA E 238 3.61 32.72 18.64
C ALA E 238 3.06 31.44 18.03
N TYR E 239 3.59 31.03 16.87
CA TYR E 239 3.25 29.73 16.30
C TYR E 239 4.18 28.63 16.81
N GLU E 240 5.42 28.98 17.15
CA GLU E 240 6.36 28.01 17.70
C GLU E 240 5.81 27.41 19.00
N LYS E 241 5.65 28.26 20.02
CA LYS E 241 4.87 27.88 21.19
C LYS E 241 3.40 28.06 20.84
N LYS E 242 2.61 27.00 20.97
CA LYS E 242 1.28 26.97 20.36
C LYS E 242 0.37 27.96 21.09
N ASP E 243 0.26 29.16 20.52
CA ASP E 243 -0.59 30.22 21.04
C ASP E 243 -1.34 30.85 19.88
N PHE E 244 -1.99 29.99 19.07
CA PHE E 244 -2.49 30.36 17.76
C PHE E 244 -3.33 31.64 17.74
N ALA E 245 -3.93 32.01 18.88
CA ALA E 245 -4.65 33.27 18.93
C ALA E 245 -3.71 34.46 18.72
N ALA E 246 -2.57 34.45 19.40
CA ALA E 246 -1.59 35.50 19.19
C ALA E 246 -1.01 35.45 17.79
N ALA E 247 -0.83 34.26 17.23
CA ALA E 247 -0.35 34.14 15.85
C ALA E 247 -1.33 34.78 14.87
N ALA E 248 -2.63 34.51 15.04
CA ALA E 248 -3.63 35.12 14.18
C ALA E 248 -3.66 36.63 14.34
N ALA E 249 -3.56 37.11 15.59
CA ALA E 249 -3.53 38.55 15.82
C ALA E 249 -2.33 39.19 15.16
N ALA E 250 -1.16 38.55 15.25
CA ALA E 250 0.05 39.09 14.63
C ALA E 250 -0.05 39.09 13.12
N MET E 251 -0.63 38.03 12.53
CA MET E 251 -0.83 38.03 11.08
C MET E 251 -1.79 39.13 10.64
N ASP E 252 -2.86 39.34 11.41
CA ASP E 252 -3.78 40.43 11.09
C ASP E 252 -3.09 41.78 11.16
N GLY E 253 -2.26 41.98 12.19
CA GLY E 253 -1.51 43.22 12.30
C GLY E 253 -0.52 43.40 11.16
N SER E 254 0.13 42.31 10.75
CA SER E 254 1.06 42.37 9.63
C SER E 254 0.34 42.77 8.34
N ALA E 255 -0.84 42.19 8.10
CA ALA E 255 -1.60 42.57 6.91
C ALA E 255 -2.09 44.02 7.00
N SER E 256 -2.50 44.45 8.19
CA SER E 256 -2.93 45.84 8.36
C SER E 256 -1.80 46.81 8.07
N LEU E 257 -0.58 46.48 8.52
CA LEU E 257 0.57 47.33 8.22
C LEU E 257 0.92 47.27 6.73
N LEU E 258 0.82 46.09 6.13
CA LEU E 258 1.04 45.97 4.68
C LEU E 258 0.07 46.83 3.90
N ALA E 259 -1.14 47.02 4.42
CA ALA E 259 -2.10 47.88 3.74
C ALA E 259 -1.62 49.33 3.66
N GLY E 260 -0.64 49.72 4.47
CA GLY E 260 -0.14 51.08 4.45
C GLY E 260 0.86 51.39 3.35
N ILE E 261 1.29 50.39 2.58
CA ILE E 261 2.18 50.65 1.46
C ILE E 261 1.46 51.45 0.38
N ALA E 262 0.16 51.20 0.18
CA ALA E 262 -0.69 51.95 -0.73
C ALA E 262 -1.87 52.48 0.06
N PRO E 263 -1.76 53.69 0.63
CA PRO E 263 -2.85 54.21 1.48
C PRO E 263 -4.17 54.41 0.74
N THR E 264 -4.14 54.69 -0.56
CA THR E 264 -5.36 54.94 -1.32
C THR E 264 -6.07 53.66 -1.73
N ARG E 265 -5.41 52.51 -1.65
CA ARG E 265 -5.99 51.23 -2.05
C ARG E 265 -6.01 50.26 -0.88
N THR E 266 -6.08 50.81 0.35
CA THR E 266 -5.99 49.98 1.54
C THR E 266 -7.02 48.85 1.51
N GLU E 267 -8.29 49.18 1.29
CA GLU E 267 -9.33 48.16 1.20
C GLU E 267 -8.94 47.06 0.22
N GLU E 268 -8.46 47.44 -0.96
CA GLU E 268 -8.04 46.46 -1.95
C GLU E 268 -7.04 45.47 -1.34
N LEU E 269 -5.98 45.99 -0.72
CA LEU E 269 -5.01 45.10 -0.09
C LEU E 269 -5.67 44.25 0.97
N ALA E 270 -6.52 44.85 1.81
CA ALA E 270 -7.26 44.07 2.79
C ALA E 270 -7.98 42.92 2.12
N GLY E 271 -8.69 43.20 1.02
CA GLY E 271 -9.40 42.14 0.33
C GLY E 271 -8.47 41.01 -0.05
N LEU E 272 -7.30 41.34 -0.61
CA LEU E 272 -6.34 40.32 -0.96
C LEU E 272 -6.05 39.43 0.24
N TRP E 273 -5.72 40.05 1.37
CA TRP E 273 -5.42 39.27 2.57
C TRP E 273 -6.60 38.37 2.90
N ARG E 274 -7.82 38.93 2.89
CA ARG E 274 -9.00 38.12 3.16
C ARG E 274 -9.03 36.90 2.26
N LEU E 275 -8.86 37.12 0.95
CA LEU E 275 -8.88 36.00 0.01
C LEU E 275 -7.88 34.95 0.43
N GLU E 276 -6.64 35.35 0.72
CA GLU E 276 -5.63 34.40 1.15
C GLU E 276 -6.15 33.59 2.33
N LYS E 277 -6.61 34.26 3.38
CA LYS E 277 -7.14 33.56 4.53
C LYS E 277 -8.21 32.59 4.10
N GLU E 278 -9.19 33.07 3.32
CA GLU E 278 -10.27 32.20 2.86
C GLU E 278 -9.70 30.98 2.17
N LEU E 279 -8.77 31.18 1.23
CA LEU E 279 -8.21 30.03 0.52
C LEU E 279 -7.61 29.05 1.51
N ALA E 280 -6.79 29.56 2.45
CA ALA E 280 -6.21 28.68 3.44
C ALA E 280 -7.29 27.89 4.14
N THR E 281 -8.30 28.59 4.67
CA THR E 281 -9.40 27.91 5.35
C THR E 281 -10.00 26.86 4.44
N ALA E 282 -10.33 27.25 3.20
CA ALA E 282 -10.94 26.30 2.28
C ALA E 282 -10.06 25.08 2.11
N HIS E 283 -8.76 25.29 1.88
CA HIS E 283 -7.88 24.15 1.68
C HIS E 283 -7.90 23.25 2.89
N ALA E 284 -7.82 23.84 4.09
CA ALA E 284 -7.88 23.03 5.30
C ALA E 284 -9.15 22.22 5.32
N ALA E 285 -10.28 22.85 5.04
CA ALA E 285 -11.55 22.13 5.01
C ALA E 285 -11.46 20.94 4.07
N HIS E 286 -10.90 21.17 2.87
CA HIS E 286 -10.79 20.08 1.92
C HIS E 286 -9.95 18.94 2.49
N GLU E 287 -8.79 19.28 3.08
CA GLU E 287 -7.96 18.22 3.61
C GLU E 287 -8.59 17.59 4.85
N ALA E 288 -9.52 18.30 5.49
CA ALA E 288 -10.28 17.67 6.56
C ALA E 288 -11.34 16.74 6.02
N ALA E 289 -11.92 17.09 4.87
CA ALA E 289 -13.02 16.30 4.33
C ALA E 289 -12.52 15.02 3.68
N ARG E 290 -11.35 15.05 3.05
CA ARG E 290 -10.83 13.91 2.30
C ARG E 290 -9.88 13.14 3.20
N TRP E 291 -10.44 12.21 3.97
CA TRP E 291 -9.65 11.32 4.81
C TRP E 291 -9.46 9.95 4.19
N THR E 292 -9.80 9.79 2.91
CA THR E 292 -9.69 8.51 2.23
C THR E 292 -9.14 8.80 0.82
N ARG E 293 -7.79 8.77 0.69
CA ARG E 293 -7.18 9.03 -0.61
C ARG E 293 -6.97 7.75 -1.39
N PRO E 294 -7.01 7.82 -2.72
CA PRO E 294 -6.76 6.61 -3.52
C PRO E 294 -5.28 6.34 -3.71
N MET E 295 -4.88 5.08 -3.55
CA MET E 295 -3.52 4.65 -3.89
C MET E 295 -3.66 3.21 -4.41
N LEU E 296 -3.85 3.09 -5.71
CA LEU E 296 -4.19 1.81 -6.30
C LEU E 296 -2.95 0.95 -6.48
N SER E 297 -3.14 -0.36 -6.38
CA SER E 297 -2.06 -1.32 -6.46
C SER E 297 -2.16 -2.14 -7.73
N MET E 298 -1.01 -2.65 -8.18
CA MET E 298 -0.94 -3.45 -9.38
C MET E 298 -1.73 -4.75 -9.23
N HIS E 299 -1.43 -5.52 -8.18
CA HIS E 299 -1.94 -6.89 -8.11
C HIS E 299 -3.42 -6.92 -7.79
N GLU E 300 -3.89 -6.02 -6.92
CA GLU E 300 -5.30 -6.01 -6.58
C GLU E 300 -6.16 -5.64 -7.78
N GLN E 301 -5.76 -4.62 -8.53
CA GLN E 301 -6.51 -4.23 -9.72
C GLN E 301 -6.47 -5.33 -10.78
N LEU E 302 -5.30 -5.96 -10.98
CA LEU E 302 -5.23 -7.06 -11.92
C LEU E 302 -6.12 -8.22 -11.50
N SER E 303 -6.13 -8.54 -10.21
CA SER E 303 -6.96 -9.62 -9.72
C SER E 303 -8.43 -9.31 -9.92
N LEU E 304 -8.84 -8.06 -9.65
CA LEU E 304 -10.23 -7.68 -9.83
C LEU E 304 -10.64 -7.78 -11.30
N VAL E 305 -9.79 -7.28 -12.20
CA VAL E 305 -10.13 -7.30 -13.63
C VAL E 305 -10.22 -8.74 -14.13
N LEU E 306 -9.25 -9.57 -13.76
CA LEU E 306 -9.26 -10.97 -14.19
C LEU E 306 -10.46 -11.70 -13.62
N LEU E 307 -10.79 -11.42 -12.36
CA LEU E 307 -11.96 -12.05 -11.73
C LEU E 307 -13.23 -11.67 -12.47
N LEU E 308 -13.38 -10.39 -12.83
CA LEU E 308 -14.56 -9.97 -13.56
C LEU E 308 -14.64 -10.66 -14.92
N ILE E 309 -13.53 -10.71 -15.65
CA ILE E 309 -13.55 -11.30 -16.98
C ILE E 309 -13.88 -12.78 -16.90
N LEU E 310 -13.26 -13.50 -15.96
CA LEU E 310 -13.56 -14.92 -15.80
C LEU E 310 -14.99 -15.14 -15.38
N ALA E 311 -15.51 -14.33 -14.46
CA ALA E 311 -16.87 -14.49 -14.00
C ALA E 311 -17.87 -14.26 -15.13
N PHE E 312 -17.65 -13.25 -15.96
CA PHE E 312 -18.58 -13.00 -17.04
C PHE E 312 -18.44 -14.02 -18.16
N GLY E 313 -17.23 -14.55 -18.38
CA GLY E 313 -17.08 -15.67 -19.29
C GLY E 313 -17.85 -16.89 -18.81
N ILE E 314 -17.81 -17.16 -17.51
CA ILE E 314 -18.61 -18.24 -16.95
C ILE E 314 -20.09 -17.97 -17.15
N ILE E 315 -20.51 -16.72 -16.90
CA ILE E 315 -21.92 -16.35 -17.04
C ILE E 315 -22.39 -16.57 -18.48
N PHE E 316 -21.53 -16.29 -19.45
CA PHE E 316 -21.94 -16.46 -20.85
C PHE E 316 -21.75 -17.89 -21.36
N GLU E 317 -20.92 -18.70 -20.70
CA GLU E 317 -20.62 -20.05 -21.18
C GLU E 317 -21.48 -21.12 -20.51
N LEU E 318 -21.56 -21.13 -19.18
CA LEU E 318 -22.25 -22.20 -18.48
C LEU E 318 -23.70 -22.34 -18.91
N PRO E 319 -24.50 -21.28 -19.03
CA PRO E 319 -25.85 -21.47 -19.59
C PRO E 319 -25.85 -22.06 -20.97
N LEU E 320 -24.94 -21.65 -21.85
CA LEU E 320 -24.92 -22.18 -23.21
C LEU E 320 -24.48 -23.63 -23.23
N VAL E 321 -23.47 -23.98 -22.45
CA VAL E 321 -23.01 -25.37 -22.38
C VAL E 321 -24.13 -26.26 -21.82
N MET E 322 -24.79 -25.80 -20.75
CA MET E 322 -25.87 -26.58 -20.17
C MET E 322 -27.03 -26.75 -21.14
N ALA E 323 -27.39 -25.68 -21.85
CA ALA E 323 -28.47 -25.78 -22.84
C ALA E 323 -28.10 -26.73 -23.96
N LEU E 324 -26.86 -26.67 -24.44
CA LEU E 324 -26.43 -27.55 -25.52
C LEU E 324 -26.44 -29.01 -25.07
N LEU E 325 -26.03 -29.27 -23.83
CA LEU E 325 -26.14 -30.63 -23.29
C LEU E 325 -27.62 -31.03 -23.19
N GLY E 326 -28.49 -30.09 -22.84
CA GLY E 326 -29.90 -30.41 -22.70
C GLY E 326 -30.60 -30.68 -24.01
N VAL E 327 -30.12 -30.09 -25.11
CA VAL E 327 -30.71 -30.37 -26.42
C VAL E 327 -30.57 -31.85 -26.75
N VAL E 328 -29.39 -32.41 -26.52
CA VAL E 328 -29.20 -33.84 -26.74
C VAL E 328 -29.57 -34.65 -25.50
N GLY E 329 -29.34 -34.10 -24.31
CA GLY E 329 -29.75 -34.73 -23.07
C GLY E 329 -28.62 -35.44 -22.35
N VAL E 330 -28.00 -34.75 -21.41
CA VAL E 330 -27.02 -35.36 -20.50
C VAL E 330 -27.42 -34.95 -19.09
N VAL E 331 -28.11 -33.82 -18.98
CA VAL E 331 -28.54 -33.27 -17.69
C VAL E 331 -30.02 -32.94 -17.82
N LYS E 332 -30.88 -33.86 -17.39
CA LYS E 332 -32.29 -33.59 -17.33
C LYS E 332 -32.59 -32.61 -16.20
N SER E 333 -33.76 -31.98 -16.27
CA SER E 333 -34.15 -31.03 -15.24
C SER E 333 -34.26 -31.68 -13.87
N SER E 334 -34.59 -32.98 -13.83
CA SER E 334 -34.75 -33.66 -12.55
C SER E 334 -33.42 -33.70 -11.80
N TRP E 335 -32.33 -34.02 -12.49
CA TRP E 335 -31.02 -34.05 -11.84
C TRP E 335 -30.63 -32.68 -11.33
N LEU E 336 -30.88 -31.64 -12.12
CA LEU E 336 -30.54 -30.28 -11.69
C LEU E 336 -31.36 -29.87 -10.47
N PHE E 337 -32.65 -30.17 -10.47
CA PHE E 337 -33.48 -29.84 -9.32
C PHE E 337 -33.03 -30.60 -8.07
N ARG E 338 -32.65 -31.86 -8.24
CA ARG E 338 -32.17 -32.64 -7.10
C ARG E 338 -30.86 -32.11 -6.56
N TYR E 339 -29.95 -31.71 -7.44
CA TYR E 339 -28.59 -31.34 -7.04
C TYR E 339 -28.36 -29.83 -7.01
N GLN E 340 -29.43 -29.03 -6.99
CA GLN E 340 -29.25 -27.58 -6.95
C GLN E 340 -28.43 -27.11 -5.75
N ARG E 341 -28.73 -27.65 -4.56
CA ARG E 341 -28.04 -27.21 -3.35
C ARG E 341 -26.56 -27.59 -3.40
N HIS E 342 -26.27 -28.84 -3.79
CA HIS E 342 -24.87 -29.27 -3.90
C HIS E 342 -24.14 -28.48 -4.97
N ALA E 343 -24.81 -28.14 -6.07
CA ALA E 343 -24.20 -27.34 -7.12
C ALA E 343 -23.89 -25.94 -6.61
N PHE E 344 -24.79 -25.35 -5.83
CA PHE E 344 -24.52 -24.05 -5.23
C PHE E 344 -23.31 -24.13 -4.32
N VAL E 345 -23.21 -25.18 -3.51
CA VAL E 345 -22.07 -25.31 -2.60
C VAL E 345 -20.77 -25.46 -3.39
N VAL E 346 -20.78 -26.30 -4.43
CA VAL E 346 -19.56 -26.54 -5.18
C VAL E 346 -19.14 -25.29 -5.94
N ALA E 347 -20.12 -24.52 -6.43
CA ALA E 347 -19.81 -23.24 -7.05
C ALA E 347 -19.22 -22.27 -6.04
N LEU E 348 -19.71 -22.31 -4.80
CA LEU E 348 -19.16 -21.43 -3.78
C LEU E 348 -17.72 -21.81 -3.43
N ILE E 349 -17.43 -23.11 -3.36
CA ILE E 349 -16.04 -23.54 -3.13
C ILE E 349 -15.16 -23.14 -4.31
N ALA E 350 -15.68 -23.26 -5.53
CA ALA E 350 -14.91 -22.85 -6.70
C ALA E 350 -14.61 -21.34 -6.67
N ALA E 351 -15.61 -20.54 -6.26
CA ALA E 351 -15.40 -19.12 -6.13
C ALA E 351 -14.37 -18.81 -5.05
N ALA E 352 -14.39 -19.56 -3.95
CA ALA E 352 -13.38 -19.39 -2.92
C ALA E 352 -11.99 -19.72 -3.46
N ILE E 353 -11.88 -20.78 -4.26
CA ILE E 353 -10.59 -21.17 -4.81
C ILE E 353 -10.07 -20.09 -5.76
N ILE E 354 -10.94 -19.57 -6.64
CA ILE E 354 -10.49 -18.59 -7.62
C ILE E 354 -10.10 -17.28 -6.95
N THR E 355 -10.87 -16.82 -5.98
CA THR E 355 -10.57 -15.58 -5.29
C THR E 355 -9.29 -15.72 -4.48
N PRO E 356 -8.30 -14.84 -4.66
CA PRO E 356 -7.05 -14.97 -3.88
C PRO E 356 -7.16 -14.45 -2.46
N THR E 357 -8.11 -13.55 -2.18
CA THR E 357 -8.24 -12.97 -0.85
C THR E 357 -9.14 -13.84 0.00
N GLY E 358 -8.67 -14.15 1.21
CA GLY E 358 -9.43 -14.99 2.12
C GLY E 358 -10.47 -14.23 2.92
N ASP E 359 -11.47 -13.68 2.24
CA ASP E 359 -12.56 -12.96 2.87
C ASP E 359 -13.89 -13.45 2.31
N VAL E 360 -14.91 -13.44 3.17
CA VAL E 360 -16.23 -13.90 2.76
C VAL E 360 -16.86 -12.96 1.74
N VAL E 361 -16.50 -11.67 1.80
CA VAL E 361 -17.09 -10.69 0.89
C VAL E 361 -16.70 -11.01 -0.55
N ASN E 362 -15.40 -11.22 -0.80
CA ASN E 362 -14.96 -11.60 -2.14
C ASN E 362 -15.52 -12.95 -2.55
N LEU E 363 -15.66 -13.86 -1.60
CA LEU E 363 -16.25 -15.17 -1.90
C LEU E 363 -17.66 -15.01 -2.43
N SER E 364 -18.48 -14.20 -1.77
CA SER E 364 -19.84 -13.96 -2.23
C SER E 364 -19.84 -13.23 -3.57
N LEU E 365 -18.96 -12.25 -3.73
CA LEU E 365 -18.89 -11.50 -4.98
C LEU E 365 -18.56 -12.40 -6.15
N MET E 366 -17.68 -13.38 -5.94
CA MET E 366 -17.35 -14.33 -7.01
C MET E 366 -18.47 -15.35 -7.21
N ALA E 367 -19.05 -15.85 -6.12
CA ALA E 367 -20.08 -16.87 -6.22
C ALA E 367 -21.37 -16.36 -6.83
N GLY E 368 -21.60 -15.05 -6.81
CA GLY E 368 -22.77 -14.48 -7.42
C GLY E 368 -22.90 -14.81 -8.89
N PRO E 369 -21.87 -14.50 -9.67
CA PRO E 369 -21.88 -14.89 -11.09
C PRO E 369 -22.06 -16.37 -11.32
N MET E 370 -21.46 -17.23 -10.48
CA MET E 370 -21.60 -18.66 -10.66
C MET E 370 -23.05 -19.10 -10.46
N LEU E 371 -23.69 -18.61 -9.40
CA LEU E 371 -25.08 -18.94 -9.17
C LEU E 371 -25.96 -18.40 -10.28
N LEU E 372 -25.67 -17.20 -10.77
CA LEU E 372 -26.46 -16.64 -11.86
C LEU E 372 -26.31 -17.49 -13.12
N ALA E 373 -25.09 -17.95 -13.42
CA ALA E 373 -24.88 -18.80 -14.57
C ALA E 373 -25.63 -20.12 -14.43
N TYR E 374 -25.59 -20.71 -13.25
CA TYR E 374 -26.32 -21.96 -13.03
C TYR E 374 -27.83 -21.75 -13.20
N GLU E 375 -28.36 -20.65 -12.67
CA GLU E 375 -29.79 -20.38 -12.77
C GLU E 375 -30.20 -20.15 -14.22
N LEU E 376 -29.42 -19.38 -14.96
CA LEU E 376 -29.71 -19.19 -16.38
C LEU E 376 -29.63 -20.51 -17.13
N GLY E 377 -28.69 -21.37 -16.76
CA GLY E 377 -28.58 -22.66 -17.41
C GLY E 377 -29.80 -23.53 -17.15
N VAL E 378 -30.27 -23.56 -15.90
CA VAL E 378 -31.43 -24.40 -15.60
C VAL E 378 -32.68 -23.82 -16.27
N LEU E 379 -32.80 -22.49 -16.34
CA LEU E 379 -33.92 -21.90 -17.05
C LEU E 379 -33.89 -22.26 -18.52
N LEU E 380 -32.71 -22.21 -19.15
CA LEU E 380 -32.59 -22.56 -20.56
C LEU E 380 -32.91 -24.04 -20.77
N VAL E 381 -32.45 -24.91 -19.87
CA VAL E 381 -32.74 -26.33 -20.00
C VAL E 381 -34.24 -26.58 -19.90
N TRP E 382 -34.91 -25.94 -18.93
CA TRP E 382 -36.35 -26.10 -18.80
C TRP E 382 -37.08 -25.58 -20.03
N MET E 383 -36.66 -24.44 -20.56
CA MET E 383 -37.30 -23.90 -21.76
C MET E 383 -37.11 -24.83 -22.95
N VAL E 384 -35.92 -25.41 -23.10
CA VAL E 384 -35.67 -26.34 -24.20
C VAL E 384 -36.55 -27.57 -24.05
N GLU E 385 -36.66 -28.09 -22.83
CA GLU E 385 -37.50 -29.27 -22.61
C GLU E 385 -38.96 -28.96 -22.89
N ARG E 386 -39.43 -27.79 -22.48
CA ARG E 386 -40.82 -27.40 -22.75
C ARG E 386 -41.07 -27.27 -24.25
N ARG E 387 -40.12 -26.69 -24.98
CA ARG E 387 -40.27 -26.58 -26.43
C ARG E 387 -40.28 -27.95 -27.08
N ARG E 388 -39.43 -28.86 -26.61
CA ARG E 388 -39.41 -30.22 -27.15
C ARG E 388 -40.73 -30.93 -26.89
N ALA E 389 -41.27 -30.78 -25.68
CA ALA E 389 -42.56 -31.41 -25.37
C ALA E 389 -43.68 -30.83 -26.21
N ARG E 390 -43.67 -29.51 -26.42
CA ARG E 390 -44.68 -28.87 -27.25
C ARG E 390 -44.59 -29.36 -28.69
N ASN E 391 -43.36 -29.49 -29.21
CA ASN E 391 -43.19 -30.02 -30.56
C ASN E 391 -43.69 -31.45 -30.67
N SER E 392 -43.41 -32.27 -29.66
CA SER E 392 -43.86 -33.67 -29.66
C SER E 392 -45.34 -33.77 -29.36
N ASP F 5 -21.19 -34.53 18.57
CA ASP F 5 -21.80 -35.80 18.23
C ASP F 5 -22.84 -35.63 17.12
N HIS F 6 -24.11 -35.57 17.50
CA HIS F 6 -25.18 -35.42 16.54
C HIS F 6 -25.20 -33.99 15.97
N LEU F 7 -25.82 -33.86 14.80
CA LEU F 7 -25.88 -32.59 14.09
C LEU F 7 -27.21 -31.88 14.23
N THR F 8 -28.29 -32.61 14.45
CA THR F 8 -29.64 -32.09 14.22
C THR F 8 -29.88 -30.77 14.93
N GLU F 9 -29.84 -30.78 16.27
CA GLU F 9 -30.14 -29.58 17.03
C GLU F 9 -29.04 -28.54 16.89
N LEU F 10 -27.78 -28.98 16.88
CA LEU F 10 -26.67 -28.06 16.66
C LEU F 10 -26.79 -27.37 15.32
N ARG F 11 -27.07 -28.12 14.26
CA ARG F 11 -27.20 -27.52 12.93
C ARG F 11 -28.38 -26.58 12.85
N SER F 12 -29.52 -26.97 13.44
CA SER F 12 -30.70 -26.11 13.40
C SER F 12 -30.43 -24.78 14.12
N ARG F 13 -29.79 -24.84 15.28
CA ARG F 13 -29.60 -23.61 16.05
C ARG F 13 -28.47 -22.77 15.45
N LEU F 14 -27.48 -23.43 14.82
CA LEU F 14 -26.49 -22.69 14.05
C LEU F 14 -27.15 -21.97 12.88
N MET F 15 -28.14 -22.60 12.25
CA MET F 15 -28.90 -21.94 11.20
C MET F 15 -29.66 -20.75 11.74
N ARG F 16 -30.23 -20.88 12.94
CA ARG F 16 -30.91 -19.74 13.57
C ARG F 16 -29.94 -18.59 13.77
N ALA F 17 -28.74 -18.89 14.29
CA ALA F 17 -27.74 -17.85 14.50
C ALA F 17 -27.33 -17.21 13.18
N THR F 18 -27.17 -18.04 12.13
CA THR F 18 -26.76 -17.52 10.83
C THR F 18 -27.82 -16.61 10.22
N ILE F 19 -29.09 -17.00 10.31
CA ILE F 19 -30.14 -16.15 9.74
C ILE F 19 -30.26 -14.86 10.54
N ALA F 20 -30.08 -14.93 11.86
CA ALA F 20 -30.06 -13.71 12.66
C ALA F 20 -28.92 -12.80 12.23
N VAL F 21 -27.72 -13.37 12.02
CA VAL F 21 -26.59 -12.58 11.56
C VAL F 21 -26.90 -11.94 10.22
N LEU F 22 -27.54 -12.69 9.31
CA LEU F 22 -27.85 -12.16 7.98
C LEU F 22 -28.80 -10.98 8.08
N ILE F 23 -29.88 -11.11 8.86
CA ILE F 23 -30.86 -10.03 8.91
C ILE F 23 -30.26 -8.80 9.58
N LEU F 24 -29.55 -9.00 10.69
CA LEU F 24 -28.96 -7.84 11.36
C LEU F 24 -27.85 -7.20 10.53
N GLY F 25 -27.13 -7.97 9.73
CA GLY F 25 -26.19 -7.37 8.80
C GLY F 25 -26.88 -6.59 7.70
N THR F 26 -28.02 -7.08 7.23
CA THR F 26 -28.79 -6.35 6.23
C THR F 26 -29.27 -5.00 6.79
N ILE F 27 -29.78 -4.99 8.01
CA ILE F 27 -30.22 -3.73 8.60
C ILE F 27 -29.04 -2.82 8.89
N SER F 28 -27.92 -3.38 9.39
CA SER F 28 -26.80 -2.56 9.78
C SER F 28 -26.00 -2.04 8.58
N LEU F 29 -26.18 -2.63 7.40
CA LEU F 29 -25.51 -2.13 6.21
C LEU F 29 -26.00 -0.75 5.81
N VAL F 30 -27.20 -0.35 6.25
CA VAL F 30 -27.70 0.98 5.94
C VAL F 30 -26.81 2.04 6.55
N PHE F 31 -26.39 1.84 7.80
CA PHE F 31 -25.56 2.78 8.52
C PHE F 31 -24.09 2.37 8.56
N ALA F 32 -23.61 1.71 7.49
CA ALA F 32 -22.23 1.25 7.48
C ALA F 32 -21.25 2.42 7.50
N LYS F 33 -21.54 3.48 6.76
CA LYS F 33 -20.63 4.63 6.69
C LYS F 33 -20.48 5.35 8.03
N PRO F 34 -21.56 5.71 8.75
CA PRO F 34 -21.35 6.34 10.06
C PRO F 34 -20.61 5.45 11.05
N ILE F 35 -20.90 4.15 11.03
CA ILE F 35 -20.20 3.23 11.92
C ILE F 35 -18.72 3.18 11.58
N PHE F 36 -18.40 3.16 10.28
CA PHE F 36 -17.01 3.18 9.86
C PHE F 36 -16.31 4.45 10.29
N GLY F 37 -16.99 5.59 10.17
CA GLY F 37 -16.41 6.85 10.63
C GLY F 37 -16.14 6.84 12.13
N LEU F 38 -17.10 6.34 12.91
CA LEU F 38 -16.90 6.23 14.35
C LEU F 38 -15.74 5.31 14.69
N LEU F 39 -15.62 4.20 13.96
CA LEU F 39 -14.53 3.26 14.20
C LEU F 39 -13.18 3.87 13.84
N MET F 40 -13.14 4.68 12.78
CA MET F 40 -11.88 5.26 12.32
C MET F 40 -11.50 6.55 13.03
N GLN F 41 -12.42 7.13 13.81
CA GLN F 41 -12.06 8.33 14.56
C GLN F 41 -10.85 8.16 15.47
N PRO F 42 -10.71 7.08 16.25
CA PRO F 42 -9.52 6.96 17.11
C PRO F 42 -8.20 6.92 16.34
N VAL F 43 -8.12 6.08 15.30
CA VAL F 43 -6.87 5.96 14.56
C VAL F 43 -6.53 7.26 13.84
N LEU F 44 -7.54 7.93 13.27
CA LEU F 44 -7.31 9.22 12.64
C LEU F 44 -6.84 10.25 13.66
N ASP F 45 -7.42 10.24 14.85
CA ASP F 45 -6.99 11.17 15.89
C ASP F 45 -5.55 10.90 16.31
N ALA F 46 -5.15 9.62 16.36
CA ALA F 46 -3.77 9.29 16.67
C ALA F 46 -2.80 9.74 15.59
N LEU F 47 -3.27 9.88 14.34
CA LEU F 47 -2.42 10.33 13.26
C LEU F 47 -2.13 11.83 13.37
N PRO F 48 -1.02 12.30 12.81
CA PRO F 48 -0.74 13.73 12.84
C PRO F 48 -1.80 14.49 12.08
N PRO F 49 -2.11 15.73 12.50
CA PRO F 49 -3.12 16.52 11.79
C PRO F 49 -2.77 16.78 10.34
N GLU F 50 -1.48 16.95 10.02
CA GLU F 50 -1.07 17.23 8.65
C GLU F 50 -1.19 16.02 7.74
N ASN F 51 -1.19 14.82 8.29
CA ASN F 51 -1.30 13.59 7.51
C ASN F 51 -2.43 12.72 8.03
N ARG F 52 -3.51 13.36 8.49
CA ARG F 52 -4.69 12.64 8.99
C ARG F 52 -5.45 12.08 7.80
N SER F 53 -4.98 10.95 7.30
CA SER F 53 -5.59 10.36 6.12
C SER F 53 -5.34 8.86 6.09
N LEU F 54 -6.21 8.15 5.38
CA LEU F 54 -6.11 6.71 5.16
C LEU F 54 -6.21 6.45 3.67
N ILE F 55 -5.40 5.50 3.18
CA ILE F 55 -5.39 5.16 1.77
C ILE F 55 -6.18 3.88 1.56
N TYR F 56 -6.70 3.70 0.35
CA TYR F 56 -7.33 2.45 -0.03
C TYR F 56 -6.62 1.87 -1.24
N THR F 57 -6.16 0.62 -1.09
CA THR F 57 -5.34 -0.01 -2.12
C THR F 57 -6.18 -0.45 -3.32
N SER F 58 -7.36 -1.01 -3.08
CA SER F 58 -8.18 -1.57 -4.15
C SER F 58 -9.38 -0.66 -4.42
N GLY F 59 -9.96 -0.83 -5.60
CA GLY F 59 -11.14 -0.07 -5.98
C GLY F 59 -12.41 -0.49 -5.29
N ILE F 60 -12.47 -1.74 -4.81
CA ILE F 60 -13.64 -2.23 -4.09
C ILE F 60 -13.42 -2.23 -2.58
N GLU F 61 -12.40 -1.51 -2.10
CA GLU F 61 -12.11 -1.51 -0.69
C GLU F 61 -13.17 -0.77 0.12
N GLU F 62 -13.80 0.24 -0.48
CA GLU F 62 -14.99 0.83 0.15
C GLU F 62 -16.07 -0.22 0.37
N LEU F 63 -16.37 -1.00 -0.68
CA LEU F 63 -17.42 -2.03 -0.57
C LEU F 63 -17.01 -3.11 0.43
N ASN F 64 -15.75 -3.54 0.39
CA ASN F 64 -15.29 -4.56 1.33
C ASN F 64 -15.36 -4.06 2.77
N VAL F 65 -14.97 -2.81 3.01
CA VAL F 65 -15.01 -2.25 4.35
C VAL F 65 -16.44 -2.15 4.84
N LEU F 66 -17.34 -1.66 3.99
CA LEU F 66 -18.75 -1.56 4.38
C LEU F 66 -19.34 -2.93 4.67
N MET F 67 -19.03 -3.92 3.83
CA MET F 67 -19.56 -5.27 4.05
C MET F 67 -19.00 -5.87 5.34
N LYS F 68 -17.72 -5.66 5.61
CA LYS F 68 -17.14 -6.18 6.85
C LYS F 68 -17.75 -5.50 8.07
N VAL F 69 -17.98 -4.20 7.99
CA VAL F 69 -18.63 -3.49 9.09
C VAL F 69 -20.03 -4.03 9.31
N GLY F 70 -20.78 -4.26 8.23
CA GLY F 70 -22.11 -4.82 8.37
C GLY F 70 -22.11 -6.21 8.96
N VAL F 71 -21.20 -7.07 8.51
CA VAL F 71 -21.13 -8.43 9.02
C VAL F 71 -20.76 -8.43 10.50
N TYR F 72 -19.80 -7.60 10.89
CA TYR F 72 -19.39 -7.56 12.29
C TYR F 72 -20.46 -6.92 13.16
N ALA F 73 -21.18 -5.93 12.64
CA ALA F 73 -22.31 -5.39 13.38
C ALA F 73 -23.39 -6.44 13.58
N GLY F 74 -23.65 -7.24 12.56
CA GLY F 74 -24.61 -8.32 12.71
C GLY F 74 -24.17 -9.34 13.74
N ILE F 75 -22.89 -9.71 13.74
CA ILE F 75 -22.43 -10.72 14.69
C ILE F 75 -22.36 -10.13 16.10
N PHE F 76 -22.20 -8.81 16.22
CA PHE F 76 -22.21 -8.18 17.54
C PHE F 76 -23.64 -8.09 18.09
N LEU F 77 -24.59 -7.69 17.25
CA LEU F 77 -25.98 -7.56 17.69
C LEU F 77 -26.72 -8.88 17.77
N THR F 78 -26.13 -9.97 17.29
CA THR F 78 -26.72 -11.29 17.44
C THR F 78 -26.26 -12.01 18.69
N THR F 79 -25.39 -11.39 19.49
CA THR F 79 -24.92 -12.03 20.72
C THR F 79 -26.06 -12.43 21.64
N PRO F 80 -27.10 -11.62 21.86
CA PRO F 80 -28.26 -12.14 22.62
C PRO F 80 -28.87 -13.38 21.98
N VAL F 81 -28.92 -13.44 20.65
CA VAL F 81 -29.51 -14.59 19.99
C VAL F 81 -28.70 -15.85 20.28
N ILE F 82 -27.38 -15.76 20.14
CA ILE F 82 -26.54 -16.93 20.42
C ILE F 82 -26.59 -17.28 21.89
N LEU F 83 -26.80 -16.30 22.77
CA LEU F 83 -26.94 -16.59 24.19
C LEU F 83 -28.21 -17.37 24.47
N MET F 84 -29.33 -16.98 23.84
CA MET F 84 -30.55 -17.77 23.99
C MET F 84 -30.38 -19.17 23.42
N GLN F 85 -29.69 -19.28 22.29
CA GLN F 85 -29.46 -20.59 21.70
C GLN F 85 -28.65 -21.48 22.65
N ILE F 86 -27.61 -20.91 23.25
CA ILE F 86 -26.78 -21.68 24.19
C ILE F 86 -27.59 -22.08 25.41
N TRP F 87 -28.40 -21.15 25.95
CA TRP F 87 -29.19 -21.47 27.13
C TRP F 87 -30.19 -22.57 26.84
N GLY F 88 -30.86 -22.51 25.69
CA GLY F 88 -31.79 -23.56 25.32
C GLY F 88 -31.09 -24.89 25.06
N PHE F 89 -29.87 -24.84 24.53
CA PHE F 89 -29.17 -26.07 24.18
C PHE F 89 -28.96 -26.96 25.39
N VAL F 90 -28.63 -26.37 26.53
CA VAL F 90 -28.49 -27.10 27.78
C VAL F 90 -29.70 -26.76 28.65
N SER F 91 -30.65 -27.68 28.73
CA SER F 91 -31.83 -27.49 29.55
C SER F 91 -32.45 -28.84 29.88
N PRO F 92 -31.79 -29.64 30.74
CA PRO F 92 -32.35 -30.95 31.09
C PRO F 92 -33.46 -30.83 32.12
N GLY F 93 -33.93 -29.60 32.32
CA GLY F 93 -34.82 -29.29 33.42
C GLY F 93 -34.08 -28.43 34.42
N LEU F 94 -32.82 -28.77 34.67
CA LEU F 94 -31.92 -27.99 35.50
C LEU F 94 -32.55 -27.67 36.86
N TYR F 95 -33.29 -28.65 37.40
CA TYR F 95 -34.05 -28.43 38.64
C TYR F 95 -34.92 -27.19 38.46
N PRO F 96 -36.07 -27.31 37.76
CA PRO F 96 -36.70 -26.15 37.12
C PRO F 96 -36.85 -24.90 37.97
N GLU F 97 -36.68 -25.02 39.28
CA GLU F 97 -36.51 -23.82 40.10
C GLU F 97 -35.30 -23.01 39.68
N GLU F 98 -34.35 -23.63 38.99
CA GLU F 98 -33.16 -22.94 38.48
C GLU F 98 -33.17 -22.78 36.97
N ARG F 99 -34.09 -23.42 36.26
CA ARG F 99 -34.17 -23.25 34.81
C ARG F 99 -34.85 -21.96 34.40
N ARG F 100 -35.56 -21.29 35.32
CA ARG F 100 -36.22 -20.04 34.99
C ARG F 100 -35.24 -18.90 34.79
N PHE F 101 -33.97 -19.08 35.14
CA PHE F 101 -32.97 -18.02 35.04
C PHE F 101 -32.39 -17.95 33.62
N ALA F 102 -33.29 -17.78 32.65
CA ALA F 102 -32.91 -17.62 31.26
C ALA F 102 -32.66 -16.16 30.91
N ALA F 103 -33.68 -15.32 31.13
CA ALA F 103 -33.52 -13.89 30.88
C ALA F 103 -32.34 -13.28 31.63
N PRO F 104 -32.08 -13.60 32.91
CA PRO F 104 -30.84 -13.09 33.52
C PRO F 104 -29.60 -13.50 32.77
N PHE F 105 -29.55 -14.74 32.28
CA PHE F 105 -28.37 -15.20 31.55
C PHE F 105 -28.16 -14.39 30.27
N VAL F 106 -29.22 -14.30 29.45
CA VAL F 106 -29.08 -13.60 28.18
C VAL F 106 -28.76 -12.12 28.41
N ALA F 107 -29.47 -11.49 29.35
CA ALA F 107 -29.23 -10.08 29.61
C ALA F 107 -27.81 -9.83 30.09
N PHE F 108 -27.35 -10.64 31.05
CA PHE F 108 -26.01 -10.43 31.59
C PHE F 108 -24.95 -10.64 30.53
N GLY F 109 -25.10 -11.67 29.70
CA GLY F 109 -24.15 -11.87 28.62
C GLY F 109 -24.15 -10.72 27.63
N SER F 110 -25.33 -10.22 27.27
CA SER F 110 -25.42 -9.12 26.32
C SER F 110 -24.75 -7.86 26.85
N ILE F 111 -25.07 -7.47 28.09
CA ILE F 111 -24.44 -6.27 28.64
C ILE F 111 -22.95 -6.49 28.88
N ALA F 112 -22.54 -7.72 29.18
CA ALA F 112 -21.11 -7.99 29.34
C ALA F 112 -20.38 -7.75 28.02
N PHE F 113 -20.92 -8.26 26.92
CA PHE F 113 -20.29 -8.04 25.62
C PHE F 113 -20.31 -6.56 25.26
N LEU F 114 -21.43 -5.88 25.52
CA LEU F 114 -21.50 -4.46 25.18
C LEU F 114 -20.50 -3.63 25.98
N LEU F 115 -20.38 -3.92 27.29
CA LEU F 115 -19.41 -3.20 28.12
C LEU F 115 -17.99 -3.52 27.70
N GLY F 116 -17.72 -4.77 27.35
CA GLY F 116 -16.39 -5.11 26.86
C GLY F 116 -16.03 -4.36 25.60
N ALA F 117 -16.97 -4.31 24.64
CA ALA F 117 -16.73 -3.58 23.40
C ALA F 117 -16.53 -2.09 23.66
N ALA F 118 -17.36 -1.51 24.52
CA ALA F 118 -17.26 -0.08 24.80
C ALA F 118 -15.95 0.25 25.50
N PHE F 119 -15.54 -0.56 26.46
CA PHE F 119 -14.29 -0.32 27.16
C PHE F 119 -13.11 -0.50 26.20
N ALA F 120 -13.16 -1.56 25.39
CA ALA F 120 -12.17 -1.75 24.33
C ALA F 120 -12.00 -0.47 23.53
N TYR F 121 -13.09 0.00 22.92
CA TYR F 121 -13.05 1.20 22.10
C TYR F 121 -12.44 2.36 22.90
N PHE F 122 -13.16 2.80 23.92
CA PHE F 122 -12.86 4.07 24.58
C PHE F 122 -11.47 4.06 25.20
N ALA F 123 -11.12 3.00 25.92
CA ALA F 123 -9.82 2.97 26.60
C ALA F 123 -8.71 2.53 25.65
N VAL F 124 -8.82 1.33 25.09
CA VAL F 124 -7.70 0.73 24.39
C VAL F 124 -7.39 1.50 23.10
N LEU F 125 -8.41 1.77 22.28
CA LEU F 125 -8.11 2.22 20.91
C LEU F 125 -7.31 3.52 20.87
N PRO F 126 -7.72 4.61 21.53
CA PRO F 126 -6.88 5.82 21.48
C PRO F 126 -5.49 5.60 22.05
N SER F 127 -5.40 4.94 23.21
CA SER F 127 -4.12 4.78 23.87
C SER F 127 -3.15 3.95 23.03
N MET F 128 -3.61 2.82 22.50
CA MET F 128 -2.69 1.98 21.76
C MET F 128 -2.36 2.58 20.41
N PHE F 129 -3.34 3.20 19.76
CA PHE F 129 -3.05 3.84 18.48
C PHE F 129 -2.11 5.03 18.65
N THR F 130 -2.13 5.67 19.82
CA THR F 130 -1.11 6.65 20.13
C THR F 130 0.24 5.98 20.36
N PHE F 131 0.24 4.82 21.01
CA PHE F 131 1.50 4.13 21.27
C PHE F 131 2.20 3.71 19.97
N LEU F 132 1.46 3.13 19.03
CA LEU F 132 2.08 2.67 17.78
C LEU F 132 2.22 3.79 16.75
N LEU F 133 1.10 4.39 16.36
CA LEU F 133 1.12 5.38 15.29
C LEU F 133 1.49 6.76 15.79
N ASN F 134 2.63 6.86 16.47
CA ASN F 134 3.15 8.15 16.89
C ASN F 134 4.62 7.97 17.22
N GLU F 135 5.47 8.82 16.65
CA GLU F 135 6.91 8.75 16.86
C GLU F 135 7.39 9.69 17.96
N GLU F 136 6.93 10.94 17.94
CA GLU F 136 7.14 11.90 19.03
C GLU F 136 8.61 12.29 19.17
N GLU F 137 9.49 11.66 18.41
CA GLU F 137 10.90 12.04 18.36
C GLU F 137 11.30 12.56 16.99
N THR F 138 10.86 11.90 15.92
CA THR F 138 11.03 12.44 14.57
C THR F 138 10.04 13.54 14.27
N LEU F 139 8.85 13.51 14.87
CA LEU F 139 7.89 14.60 14.69
C LEU F 139 8.38 15.89 15.34
N ALA F 140 8.97 15.80 16.53
CA ALA F 140 9.53 16.99 17.17
C ALA F 140 10.67 17.58 16.35
N LEU F 141 11.54 16.71 15.83
CA LEU F 141 12.64 17.18 14.99
C LEU F 141 12.11 17.79 13.69
N GLU F 142 11.07 17.19 13.12
CA GLU F 142 10.47 17.75 11.90
C GLU F 142 9.86 19.12 12.18
N GLN F 143 9.19 19.27 13.32
CA GLN F 143 8.63 20.57 13.68
C GLN F 143 9.73 21.60 13.91
N ARG F 144 10.83 21.19 14.54
CA ARG F 144 11.95 22.10 14.73
C ARG F 144 12.55 22.52 13.39
N LEU F 145 12.65 21.57 12.45
CA LEU F 145 13.16 21.90 11.13
C LEU F 145 12.22 22.84 10.38
N ASP F 146 10.91 22.62 10.50
CA ASP F 146 9.94 23.52 9.88
C ASP F 146 10.02 24.93 10.47
N THR F 147 10.16 25.02 11.79
CA THR F 147 10.32 26.32 12.41
C THR F 147 11.60 27.00 11.95
N ALA F 148 12.70 26.25 11.86
CA ALA F 148 13.95 26.81 11.38
C ALA F 148 13.83 27.30 9.94
N ARG F 149 13.10 26.54 9.12
CA ARG F 149 12.84 26.98 7.75
C ARG F 149 12.03 28.26 7.73
N LEU F 150 11.07 28.39 8.66
CA LEU F 150 10.29 29.63 8.74
C LEU F 150 11.17 30.81 9.11
N ARG F 151 12.08 30.62 10.08
CA ARG F 151 12.99 31.71 10.45
C ARG F 151 13.91 32.05 9.29
N ALA F 152 14.38 31.05 8.55
CA ALA F 152 15.22 31.31 7.37
C ALA F 152 14.44 32.09 6.32
N ASP F 153 13.17 31.75 6.14
CA ASP F 153 12.33 32.50 5.20
C ASP F 153 12.16 33.95 5.64
N ASP F 154 11.99 34.18 6.94
CA ASP F 154 11.89 35.54 7.44
C ASP F 154 13.20 36.31 7.21
N ALA F 155 14.34 35.64 7.43
CA ALA F 155 15.63 36.27 7.15
C ALA F 155 15.77 36.60 5.67
N LEU F 156 15.30 35.70 4.80
CA LEU F 156 15.35 35.97 3.37
C LEU F 156 14.46 37.15 2.99
N ARG F 157 13.30 37.28 3.63
CA ARG F 157 12.45 38.44 3.40
C ARG F 157 13.15 39.72 3.84
N PHE F 158 13.82 39.67 4.99
CA PHE F 158 14.58 40.83 5.45
C PHE F 158 15.68 41.18 4.46
N LEU F 159 16.32 40.18 3.88
CA LEU F 159 17.30 40.43 2.82
C LEU F 159 16.65 41.06 1.60
N ARG F 160 15.48 40.55 1.21
CA ARG F 160 14.75 41.10 0.07
C ARG F 160 14.35 42.55 0.31
N LEU F 161 14.21 42.96 1.57
CA LEU F 161 13.92 44.34 1.91
C LEU F 161 15.18 45.18 2.05
N GLY F 162 16.35 44.61 1.76
CA GLY F 162 17.59 45.33 1.89
C GLY F 162 18.15 45.42 3.29
N GLU F 163 17.60 44.66 4.23
CA GLU F 163 18.05 44.68 5.63
C GLU F 163 18.96 43.48 5.84
N ALA F 164 20.26 43.69 5.61
CA ALA F 164 21.22 42.61 5.80
C ALA F 164 21.51 42.33 7.26
N GLU F 165 21.49 43.37 8.11
CA GLU F 165 21.80 43.19 9.52
C GLU F 165 20.76 42.31 10.21
N GLU F 166 19.48 42.60 9.99
CA GLU F 166 18.43 41.81 10.60
C GLU F 166 18.44 40.37 10.08
N ALA F 167 18.68 40.21 8.79
CA ALA F 167 18.76 38.87 8.20
C ALA F 167 19.90 38.08 8.82
N GLY F 168 21.07 38.70 8.97
CA GLY F 168 22.19 38.02 9.60
C GLY F 168 21.92 37.67 11.05
N ARG F 169 21.26 38.58 11.77
CA ARG F 169 20.92 38.31 13.17
C ARG F 169 19.99 37.11 13.27
N ILE F 170 18.96 37.07 12.44
CA ILE F 170 18.02 35.95 12.47
C ILE F 170 18.72 34.65 12.07
N ALA F 171 19.60 34.71 11.07
CA ALA F 171 20.33 33.52 10.65
C ALA F 171 21.21 32.99 11.76
N LYS F 172 21.93 33.88 12.45
CA LYS F 172 22.78 33.45 13.56
C LYS F 172 21.95 32.84 14.68
N GLU F 173 20.82 33.47 15.01
CA GLU F 173 19.97 32.93 16.08
C GLU F 173 19.43 31.56 15.71
N THR F 174 18.98 31.39 14.46
CA THR F 174 18.46 30.09 14.04
C THR F 174 19.56 29.02 14.03
N SER F 175 20.76 29.39 13.58
CA SER F 175 21.86 28.43 13.59
C SER F 175 22.20 28.01 15.02
N THR F 176 22.24 28.97 15.94
CA THR F 176 22.51 28.65 17.34
C THR F 176 21.43 27.75 17.92
N GLN F 177 20.16 28.05 17.61
CA GLN F 177 19.07 27.22 18.13
C GLN F 177 19.14 25.81 17.58
N LEU F 178 19.43 25.67 16.28
CA LEU F 178 19.54 24.35 15.69
C LEU F 178 20.71 23.56 16.27
N ARG F 179 21.85 24.21 16.48
CA ARG F 179 23.01 23.52 17.04
C ARG F 179 22.76 23.11 18.50
N ALA F 180 22.06 23.97 19.26
CA ALA F 180 21.77 23.63 20.65
C ALA F 180 20.91 22.38 20.76
N GLU F 181 19.90 22.26 19.91
CA GLU F 181 19.03 21.10 19.90
C GLU F 181 19.35 20.18 18.74
N PRO F 193 23.82 10.84 5.29
CA PRO F 193 23.18 11.50 4.16
C PRO F 193 23.94 11.32 2.86
N ALA F 194 23.23 11.00 1.78
CA ALA F 194 23.87 10.82 0.48
C ALA F 194 24.44 12.13 -0.03
N ALA F 195 25.54 12.04 -0.77
CA ALA F 195 26.17 13.23 -1.31
C ALA F 195 25.27 13.93 -2.32
N SER F 196 24.60 13.17 -3.18
CA SER F 196 23.74 13.77 -4.20
C SER F 196 22.57 14.53 -3.58
N VAL F 197 21.93 13.96 -2.56
CA VAL F 197 20.81 14.63 -1.91
C VAL F 197 21.27 15.91 -1.23
N GLU F 198 22.41 15.87 -0.54
CA GLU F 198 22.90 17.07 0.13
C GLU F 198 23.29 18.14 -0.88
N MET F 199 23.88 17.75 -2.01
CA MET F 199 24.21 18.72 -3.04
C MET F 199 22.94 19.33 -3.65
N THR F 200 21.90 18.53 -3.84
CA THR F 200 20.65 19.08 -4.35
C THR F 200 20.04 20.08 -3.37
N GLY F 201 20.05 19.74 -2.08
CA GLY F 201 19.54 20.67 -1.09
C GLY F 201 20.35 21.95 -1.02
N ARG F 202 21.67 21.84 -1.11
CA ARG F 202 22.52 23.03 -1.10
C ARG F 202 22.29 23.88 -2.34
N LEU F 203 22.07 23.25 -3.49
CA LEU F 203 21.76 24.00 -4.70
C LEU F 203 20.44 24.75 -4.55
N ASP F 204 19.43 24.11 -3.97
CA ASP F 204 18.17 24.80 -3.72
C ASP F 204 18.34 25.97 -2.77
N GLY F 205 19.13 25.78 -1.71
CA GLY F 205 19.39 26.86 -0.78
C GLY F 205 20.12 28.02 -1.43
N LEU F 206 21.11 27.73 -2.27
CA LEU F 206 21.82 28.77 -2.99
C LEU F 206 20.89 29.51 -3.93
N GLY F 207 20.01 28.78 -4.61
CA GLY F 207 19.02 29.44 -5.46
C GLY F 207 18.12 30.37 -4.69
N ARG F 208 17.66 29.92 -3.51
CA ARG F 208 16.82 30.78 -2.68
C ARG F 208 17.56 32.04 -2.25
N LEU F 209 18.82 31.89 -1.81
CA LEU F 209 19.59 33.04 -1.38
C LEU F 209 19.85 34.00 -2.54
N LEU F 210 20.16 33.46 -3.72
CA LEU F 210 20.39 34.30 -4.89
C LEU F 210 19.12 35.05 -5.30
N ASP F 211 17.97 34.37 -5.24
CA ASP F 211 16.72 35.05 -5.55
C ASP F 211 16.44 36.17 -4.56
N ALA F 212 16.67 35.92 -3.27
CA ALA F 212 16.44 36.95 -2.27
C ALA F 212 17.36 38.15 -2.50
N ALA F 213 18.63 37.89 -2.80
CA ALA F 213 19.57 38.97 -3.05
C ALA F 213 19.22 39.73 -4.33
N SER F 214 18.76 39.02 -5.35
CA SER F 214 18.35 39.70 -6.58
C SER F 214 17.15 40.60 -6.37
N VAL F 215 16.19 40.14 -5.55
CA VAL F 215 15.04 40.99 -5.23
C VAL F 215 15.47 42.19 -4.41
N GLY F 216 16.38 41.99 -3.44
CA GLY F 216 16.76 43.06 -2.55
C GLY F 216 17.71 44.09 -3.12
N TYR F 217 18.93 43.66 -3.47
CA TYR F 217 19.98 44.54 -3.95
C TYR F 217 20.12 44.51 -5.47
N GLY F 218 19.06 44.12 -6.18
CA GLY F 218 19.13 44.01 -7.62
C GLY F 218 19.05 45.32 -8.37
N ALA F 219 18.85 46.44 -7.68
CA ALA F 219 18.80 47.73 -8.34
C ALA F 219 20.16 48.38 -8.49
N GLN F 220 21.13 48.03 -7.63
CA GLN F 220 22.45 48.65 -7.66
C GLN F 220 23.54 47.64 -7.98
N SER F 221 23.60 46.53 -7.27
CA SER F 221 24.68 45.55 -7.45
C SER F 221 24.34 44.52 -8.52
N ARG F 222 23.98 44.99 -9.71
CA ARG F 222 23.63 44.07 -10.79
C ARG F 222 24.84 43.36 -11.37
N GLY F 223 26.05 43.86 -11.12
CA GLY F 223 27.24 43.26 -11.66
C GLY F 223 27.82 42.14 -10.82
N VAL F 224 27.48 42.10 -9.54
CA VAL F 224 28.01 41.08 -8.65
C VAL F 224 27.10 39.86 -8.60
N LEU F 225 25.78 40.07 -8.59
CA LEU F 225 24.88 38.93 -8.68
C LEU F 225 25.03 38.19 -10.00
N ARG F 226 25.45 38.87 -11.06
CA ARG F 226 25.73 38.18 -12.31
C ARG F 226 26.86 37.18 -12.15
N GLN F 227 27.94 37.59 -11.48
CA GLN F 227 29.04 36.67 -11.22
C GLN F 227 28.61 35.54 -10.31
N ALA F 228 27.79 35.85 -9.31
CA ALA F 228 27.29 34.80 -8.42
C ALA F 228 26.45 33.78 -9.18
N VAL F 229 25.61 34.25 -10.10
CA VAL F 229 24.79 33.32 -10.88
C VAL F 229 25.65 32.50 -11.84
N GLU F 230 26.70 33.10 -12.40
CA GLU F 230 27.62 32.34 -13.22
C GLU F 230 28.30 31.23 -12.42
N LYS F 231 28.70 31.55 -11.19
CA LYS F 231 29.30 30.52 -10.33
C LYS F 231 28.29 29.43 -10.00
N ARG F 232 27.02 29.81 -9.81
CA ARG F 232 25.99 28.80 -9.60
C ARG F 232 25.80 27.92 -10.83
N VAL F 233 25.92 28.52 -12.02
CA VAL F 233 25.85 27.73 -13.25
C VAL F 233 27.00 26.74 -13.31
N GLU F 234 28.20 27.17 -12.90
CA GLU F 234 29.32 26.26 -12.81
C GLU F 234 29.03 25.13 -11.82
N ALA F 235 28.38 25.45 -10.70
CA ALA F 235 28.00 24.43 -9.73
C ALA F 235 27.03 23.43 -10.34
N VAL F 236 26.05 23.90 -11.09
CA VAL F 236 25.11 22.99 -11.75
C VAL F 236 25.83 22.12 -12.76
N THR F 237 26.79 22.68 -13.49
CA THR F 237 27.56 21.89 -14.45
C THR F 237 28.35 20.79 -13.74
N ALA F 238 29.01 21.14 -12.64
CA ALA F 238 29.75 20.14 -11.86
C ALA F 238 28.83 19.20 -11.10
N TYR F 239 27.54 19.52 -11.03
CA TYR F 239 26.56 18.59 -10.47
C TYR F 239 26.01 17.64 -11.52
N GLU F 240 25.96 18.08 -12.79
CA GLU F 240 25.50 17.21 -13.86
C GLU F 240 26.38 15.98 -13.97
N LYS F 241 27.67 16.18 -14.30
CA LYS F 241 28.66 15.13 -14.14
C LYS F 241 29.07 15.10 -12.67
N LYS F 242 28.92 13.95 -12.03
CA LYS F 242 28.97 13.89 -10.57
C LYS F 242 30.39 14.18 -10.10
N ASP F 243 30.64 15.44 -9.75
CA ASP F 243 31.92 15.90 -9.24
C ASP F 243 31.66 16.79 -8.03
N PHE F 244 30.86 16.28 -7.09
CA PHE F 244 30.25 17.09 -6.03
C PHE F 244 31.24 17.99 -5.30
N ALA F 245 32.52 17.63 -5.28
CA ALA F 245 33.52 18.51 -4.66
C ALA F 245 33.59 19.84 -5.39
N ALA F 246 33.65 19.79 -6.73
CA ALA F 246 33.66 21.02 -7.52
C ALA F 246 32.34 21.78 -7.38
N ALA F 247 31.23 21.05 -7.26
CA ALA F 247 29.94 21.70 -7.06
C ALA F 247 29.92 22.47 -5.75
N ALA F 248 30.42 21.85 -4.67
CA ALA F 248 30.47 22.54 -3.39
C ALA F 248 31.40 23.74 -3.44
N ALA F 249 32.54 23.60 -4.11
CA ALA F 249 33.46 24.73 -4.24
C ALA F 249 32.83 25.88 -5.01
N ALA F 250 32.10 25.55 -6.08
CA ALA F 250 31.44 26.59 -6.87
C ALA F 250 30.33 27.27 -6.09
N MET F 251 29.57 26.51 -5.30
CA MET F 251 28.55 27.12 -4.46
C MET F 251 29.16 28.03 -3.41
N ASP F 252 30.28 27.61 -2.81
CA ASP F 252 30.96 28.46 -1.84
C ASP F 252 31.46 29.74 -2.50
N GLY F 253 32.00 29.64 -3.71
CA GLY F 253 32.44 30.83 -4.42
C GLY F 253 31.29 31.74 -4.78
N SER F 254 30.14 31.16 -5.17
CA SER F 254 28.96 31.96 -5.47
C SER F 254 28.48 32.72 -4.24
N ALA F 255 28.46 32.06 -3.09
CA ALA F 255 28.05 32.75 -1.86
C ALA F 255 29.06 33.82 -1.48
N SER F 256 30.36 33.54 -1.66
CA SER F 256 31.37 34.54 -1.35
C SER F 256 31.22 35.79 -2.23
N LEU F 257 30.92 35.57 -3.52
CA LEU F 257 30.67 36.71 -4.40
C LEU F 257 29.38 37.44 -4.03
N LEU F 258 28.35 36.68 -3.65
CA LEU F 258 27.11 37.30 -3.19
C LEU F 258 27.33 38.18 -1.97
N ALA F 259 28.30 37.81 -1.14
CA ALA F 259 28.63 38.64 0.03
C ALA F 259 29.13 40.02 -0.37
N GLY F 260 29.55 40.21 -1.61
CA GLY F 260 30.05 41.49 -2.05
C GLY F 260 29.00 42.51 -2.43
N ILE F 261 27.71 42.11 -2.45
CA ILE F 261 26.66 43.07 -2.72
C ILE F 261 26.53 44.08 -1.59
N ALA F 262 26.78 43.65 -0.35
CA ALA F 262 26.80 44.51 0.82
C ALA F 262 28.15 44.32 1.51
N PRO F 263 29.16 45.11 1.15
CA PRO F 263 30.51 44.91 1.72
C PRO F 263 30.58 45.10 3.23
N THR F 264 29.72 45.94 3.80
CA THR F 264 29.76 46.22 5.24
C THR F 264 29.06 45.15 6.07
N ARG F 265 28.26 44.29 5.44
CA ARG F 265 27.52 43.25 6.14
C ARG F 265 27.91 41.87 5.63
N THR F 266 29.14 41.76 5.12
CA THR F 266 29.58 40.50 4.49
C THR F 266 29.36 39.31 5.42
N GLU F 267 29.87 39.40 6.65
CA GLU F 267 29.69 38.32 7.61
C GLU F 267 28.23 37.93 7.72
N GLU F 268 27.33 38.92 7.83
CA GLU F 268 25.91 38.64 7.91
C GLU F 268 25.47 37.76 6.77
N LEU F 269 25.79 38.16 5.53
CA LEU F 269 25.42 37.35 4.38
C LEU F 269 26.04 35.97 4.48
N ALA F 270 27.31 35.90 4.85
CA ALA F 270 27.95 34.59 5.05
C ALA F 270 27.12 33.75 6.00
N GLY F 271 26.72 34.33 7.14
CA GLY F 271 25.92 33.58 8.08
C GLY F 271 24.67 33.01 7.45
N LEU F 272 23.97 33.84 6.66
CA LEU F 272 22.79 33.34 5.97
C LEU F 272 23.11 32.11 5.17
N TRP F 273 24.17 32.18 4.35
CA TRP F 273 24.55 31.03 3.54
C TRP F 273 24.80 29.83 4.43
N ARG F 274 25.55 30.02 5.52
CA ARG F 274 25.81 28.93 6.44
C ARG F 274 24.50 28.30 6.88
N LEU F 275 23.55 29.13 7.34
CA LEU F 275 22.27 28.60 7.79
C LEU F 275 21.64 27.75 6.71
N GLU F 276 21.60 28.25 5.47
CA GLU F 276 21.03 27.48 4.39
C GLU F 276 21.69 26.12 4.29
N LYS F 277 23.03 26.10 4.22
CA LYS F 277 23.74 24.83 4.17
C LYS F 277 23.33 23.96 5.33
N GLU F 278 23.37 24.50 6.54
CA GLU F 278 22.99 23.71 7.72
C GLU F 278 21.61 23.12 7.53
N LEU F 279 20.64 23.95 7.15
CA LEU F 279 19.29 23.45 6.97
C LEU F 279 19.29 22.29 5.98
N ALA F 280 19.93 22.48 4.83
CA ALA F 280 20.01 21.40 3.85
C ALA F 280 20.55 20.15 4.49
N THR F 281 21.71 20.26 5.15
CA THR F 281 22.29 19.11 5.81
C THR F 281 21.30 18.49 6.76
N ALA F 282 20.69 19.31 7.64
CA ALA F 282 19.74 18.79 8.60
C ALA F 282 18.63 18.03 7.90
N HIS F 283 18.06 18.63 6.85
CA HIS F 283 16.97 17.97 6.15
C HIS F 283 17.42 16.62 5.61
N ALA F 284 18.60 16.59 4.99
CA ALA F 284 19.12 15.33 4.49
C ALA F 284 19.21 14.32 5.62
N ALA F 285 19.78 14.72 6.76
CA ALA F 285 19.88 13.81 7.89
C ALA F 285 18.51 13.27 8.25
N HIS F 286 17.50 14.14 8.30
CA HIS F 286 16.16 13.68 8.64
C HIS F 286 15.67 12.65 7.64
N GLU F 287 15.84 12.94 6.34
CA GLU F 287 15.37 11.98 5.34
C GLU F 287 16.22 10.73 5.34
N ALA F 288 17.44 10.81 5.88
CA ALA F 288 18.23 9.60 6.06
C ALA F 288 17.76 8.80 7.26
N ALA F 289 17.29 9.50 8.30
CA ALA F 289 16.90 8.81 9.52
C ALA F 289 15.54 8.13 9.38
N ARG F 290 14.62 8.74 8.63
CA ARG F 290 13.26 8.23 8.52
C ARG F 290 13.17 7.38 7.26
N TRP F 291 13.48 6.09 7.40
CA TRP F 291 13.35 5.13 6.32
C TRP F 291 12.08 4.30 6.43
N THR F 292 11.16 4.68 7.32
CA THR F 292 9.93 3.94 7.55
C THR F 292 8.80 4.95 7.71
N ARG F 293 8.16 5.32 6.57
CA ARG F 293 7.08 6.29 6.62
C ARG F 293 5.73 5.59 6.80
N PRO F 294 4.77 6.26 7.45
CA PRO F 294 3.44 5.67 7.59
C PRO F 294 2.57 5.88 6.37
N MET F 295 1.88 4.83 5.94
CA MET F 295 0.86 4.95 4.90
C MET F 295 -0.22 3.92 5.26
N LEU F 296 -1.20 4.38 6.02
CA LEU F 296 -2.19 3.47 6.60
C LEU F 296 -3.26 3.12 5.58
N SER F 297 -3.78 1.90 5.71
CA SER F 297 -4.77 1.39 4.79
C SER F 297 -6.12 1.24 5.47
N MET F 298 -7.17 1.29 4.65
CA MET F 298 -8.53 1.19 5.15
C MET F 298 -8.79 -0.17 5.78
N HIS F 299 -8.51 -1.25 5.04
CA HIS F 299 -8.98 -2.57 5.46
C HIS F 299 -8.15 -3.10 6.62
N GLU F 300 -6.85 -2.85 6.63
CA GLU F 300 -6.02 -3.33 7.74
C GLU F 300 -6.40 -2.66 9.04
N GLN F 301 -6.60 -1.35 9.03
CA GLN F 301 -7.00 -0.64 10.25
C GLN F 301 -8.39 -1.08 10.70
N LEU F 302 -9.33 -1.25 9.75
CA LEU F 302 -10.65 -1.73 10.14
C LEU F 302 -10.58 -3.13 10.74
N SER F 303 -9.77 -4.00 10.14
CA SER F 303 -9.62 -5.36 10.66
C SER F 303 -9.04 -5.34 12.06
N LEU F 304 -8.03 -4.50 12.30
CA LEU F 304 -7.42 -4.43 13.61
C LEU F 304 -8.42 -3.92 14.65
N VAL F 305 -9.18 -2.87 14.32
CA VAL F 305 -10.13 -2.32 15.27
C VAL F 305 -11.23 -3.33 15.58
N LEU F 306 -11.77 -3.98 14.54
CA LEU F 306 -12.81 -4.98 14.77
C LEU F 306 -12.30 -6.15 15.57
N LEU F 307 -11.07 -6.59 15.28
CA LEU F 307 -10.46 -7.68 16.03
C LEU F 307 -10.31 -7.32 17.50
N LEU F 308 -9.86 -6.10 17.79
CA LEU F 308 -9.74 -5.68 19.18
C LEU F 308 -11.09 -5.66 19.88
N ILE F 309 -12.10 -5.10 19.23
CA ILE F 309 -13.42 -4.99 19.86
C ILE F 309 -13.99 -6.37 20.12
N LEU F 310 -13.90 -7.27 19.13
CA LEU F 310 -14.41 -8.62 19.32
C LEU F 310 -13.64 -9.36 20.42
N ALA F 311 -12.32 -9.19 20.44
CA ALA F 311 -11.51 -9.88 21.45
C ALA F 311 -11.86 -9.40 22.84
N PHE F 312 -12.04 -8.10 23.03
CA PHE F 312 -12.37 -7.60 24.36
C PHE F 312 -13.81 -7.93 24.74
N GLY F 313 -14.71 -7.99 23.77
CA GLY F 313 -16.04 -8.49 24.06
C GLY F 313 -16.02 -9.93 24.53
N ILE F 314 -15.20 -10.76 23.89
CA ILE F 314 -15.02 -12.14 24.35
C ILE F 314 -14.44 -12.16 25.75
N ILE F 315 -13.44 -11.31 26.02
CA ILE F 315 -12.80 -11.27 27.32
C ILE F 315 -13.81 -10.90 28.41
N PHE F 316 -14.75 -10.01 28.09
CA PHE F 316 -15.73 -9.61 29.09
C PHE F 316 -16.94 -10.53 29.16
N GLU F 317 -17.18 -11.33 28.13
CA GLU F 317 -18.36 -12.19 28.09
C GLU F 317 -18.08 -13.62 28.54
N LEU F 318 -17.05 -14.25 28.00
CA LEU F 318 -16.81 -15.67 28.30
C LEU F 318 -16.63 -15.94 29.78
N PRO F 319 -15.85 -15.16 30.54
CA PRO F 319 -15.84 -15.38 31.99
C PRO F 319 -17.21 -15.25 32.64
N LEU F 320 -18.01 -14.27 32.23
CA LEU F 320 -19.32 -14.09 32.84
C LEU F 320 -20.27 -15.22 32.46
N VAL F 321 -20.26 -15.64 31.20
CA VAL F 321 -21.11 -16.75 30.77
C VAL F 321 -20.71 -18.03 31.50
N MET F 322 -19.41 -18.29 31.61
CA MET F 322 -18.95 -19.49 32.30
C MET F 322 -19.32 -19.45 33.77
N ALA F 323 -19.16 -18.30 34.43
CA ALA F 323 -19.52 -18.19 35.83
C ALA F 323 -21.03 -18.40 36.02
N LEU F 324 -21.84 -17.82 35.13
CA LEU F 324 -23.29 -17.97 35.26
C LEU F 324 -23.70 -19.42 35.05
N LEU F 325 -23.06 -20.12 34.12
CA LEU F 325 -23.31 -21.56 33.99
C LEU F 325 -22.87 -22.31 35.24
N GLY F 326 -21.77 -21.87 35.86
CA GLY F 326 -21.27 -22.55 37.05
C GLY F 326 -22.13 -22.33 38.28
N VAL F 327 -22.84 -21.20 38.34
CA VAL F 327 -23.75 -20.97 39.47
C VAL F 327 -24.83 -22.04 39.51
N VAL F 328 -25.41 -22.35 38.35
CA VAL F 328 -26.39 -23.43 38.28
C VAL F 328 -25.73 -24.78 38.05
N GLY F 329 -24.64 -24.81 37.30
CA GLY F 329 -23.86 -26.02 37.09
C GLY F 329 -24.14 -26.69 35.76
N VAL F 330 -23.31 -26.39 34.77
CA VAL F 330 -23.32 -27.09 33.50
C VAL F 330 -21.89 -27.50 33.19
N VAL F 331 -20.94 -26.75 33.76
CA VAL F 331 -19.51 -26.98 33.54
C VAL F 331 -18.84 -26.99 34.92
N LYS F 332 -18.67 -28.18 35.47
CA LYS F 332 -17.93 -28.31 36.72
C LYS F 332 -16.44 -28.08 36.45
N SER F 333 -15.70 -27.78 37.53
CA SER F 333 -14.27 -27.54 37.38
C SER F 333 -13.54 -28.75 36.85
N SER F 334 -14.05 -29.96 37.14
CA SER F 334 -13.38 -31.17 36.68
C SER F 334 -13.34 -31.24 35.16
N TRP F 335 -14.47 -30.93 34.51
CA TRP F 335 -14.51 -30.95 33.05
C TRP F 335 -13.56 -29.92 32.46
N LEU F 336 -13.51 -28.73 33.05
CA LEU F 336 -12.61 -27.68 32.55
C LEU F 336 -11.15 -28.10 32.72
N PHE F 337 -10.80 -28.67 33.86
CA PHE F 337 -9.43 -29.12 34.07
C PHE F 337 -9.06 -30.23 33.09
N ARG F 338 -10.00 -31.14 32.84
CA ARG F 338 -9.74 -32.22 31.89
C ARG F 338 -9.56 -31.70 30.48
N TYR F 339 -10.37 -30.73 30.07
CA TYR F 339 -10.41 -30.28 28.68
C TYR F 339 -9.69 -28.96 28.46
N GLN F 340 -8.84 -28.53 29.40
CA GLN F 340 -8.12 -27.27 29.22
C GLN F 340 -7.30 -27.24 27.94
N ARG F 341 -6.56 -28.32 27.66
CA ARG F 341 -5.69 -28.34 26.49
C ARG F 341 -6.51 -28.29 25.19
N HIS F 342 -7.57 -29.10 25.12
CA HIS F 342 -8.42 -29.08 23.93
C HIS F 342 -9.11 -27.73 23.77
N ALA F 343 -9.49 -27.10 24.87
CA ALA F 343 -10.10 -25.78 24.80
C ALA F 343 -9.12 -24.74 24.30
N PHE F 344 -7.87 -24.83 24.74
CA PHE F 344 -6.84 -23.93 24.22
C PHE F 344 -6.67 -24.12 22.72
N VAL F 345 -6.65 -25.38 22.26
CA VAL F 345 -6.48 -25.65 20.84
C VAL F 345 -7.66 -25.10 20.06
N VAL F 346 -8.89 -25.34 20.53
CA VAL F 346 -10.07 -24.89 19.79
C VAL F 346 -10.15 -23.38 19.79
N ALA F 347 -9.73 -22.73 20.87
CA ALA F 347 -9.65 -21.27 20.88
C ALA F 347 -8.62 -20.78 19.87
N LEU F 348 -7.51 -21.49 19.75
CA LEU F 348 -6.48 -21.09 18.78
C LEU F 348 -6.99 -21.24 17.35
N ILE F 349 -7.73 -22.31 17.06
CA ILE F 349 -8.33 -22.45 15.73
C ILE F 349 -9.35 -21.35 15.49
N ALA F 350 -10.14 -21.01 16.51
CA ALA F 350 -11.12 -19.93 16.36
C ALA F 350 -10.42 -18.60 16.08
N ALA F 351 -9.32 -18.34 16.77
CA ALA F 351 -8.54 -17.13 16.52
C ALA F 351 -7.98 -17.13 15.10
N ALA F 352 -7.52 -18.28 14.63
CA ALA F 352 -7.05 -18.38 13.25
C ALA F 352 -8.17 -18.08 12.27
N ILE F 353 -9.38 -18.58 12.55
CA ILE F 353 -10.51 -18.35 11.66
C ILE F 353 -10.87 -16.87 11.63
N ILE F 354 -10.92 -16.23 12.79
CA ILE F 354 -11.33 -14.82 12.86
C ILE F 354 -10.29 -13.93 12.17
N THR F 355 -9.02 -14.17 12.43
CA THR F 355 -7.97 -13.34 11.84
C THR F 355 -7.93 -13.55 10.33
N PRO F 356 -8.00 -12.48 9.53
CA PRO F 356 -7.97 -12.65 8.07
C PRO F 356 -6.58 -12.88 7.51
N THR F 357 -5.53 -12.48 8.22
CA THR F 357 -4.16 -12.62 7.73
C THR F 357 -3.61 -13.98 8.13
N GLY F 358 -3.05 -14.70 7.16
CA GLY F 358 -2.49 -16.02 7.42
C GLY F 358 -1.09 -15.99 7.97
N ASP F 359 -0.93 -15.44 9.18
CA ASP F 359 0.36 -15.38 9.85
C ASP F 359 0.21 -15.85 11.29
N VAL F 360 1.26 -16.49 11.79
CA VAL F 360 1.23 -17.01 13.17
C VAL F 360 1.20 -15.87 14.18
N VAL F 361 1.78 -14.72 13.84
CA VAL F 361 1.82 -13.59 14.77
C VAL F 361 0.42 -13.11 15.10
N ASN F 362 -0.39 -12.86 14.06
CA ASN F 362 -1.77 -12.46 14.28
C ASN F 362 -2.57 -13.56 14.97
N LEU F 363 -2.27 -14.81 14.66
CA LEU F 363 -2.95 -15.93 15.32
C LEU F 363 -2.71 -15.89 16.82
N SER F 364 -1.46 -15.69 17.23
CA SER F 364 -1.16 -15.59 18.67
C SER F 364 -1.79 -14.35 19.29
N LEU F 365 -1.74 -13.23 18.56
CA LEU F 365 -2.32 -12.00 19.09
C LEU F 365 -3.82 -12.15 19.33
N MET F 366 -4.51 -12.87 18.45
CA MET F 366 -5.95 -13.10 18.65
C MET F 366 -6.18 -14.14 19.74
N ALA F 367 -5.40 -15.22 19.75
CA ALA F 367 -5.60 -16.29 20.71
C ALA F 367 -5.29 -15.88 22.13
N GLY F 368 -4.50 -14.83 22.33
CA GLY F 368 -4.20 -14.34 23.66
C GLY F 368 -5.44 -13.97 24.45
N PRO F 369 -6.27 -13.09 23.88
CA PRO F 369 -7.54 -12.76 24.56
C PRO F 369 -8.42 -13.98 24.82
N MET F 370 -8.47 -14.94 23.90
CA MET F 370 -9.30 -16.12 24.11
C MET F 370 -8.81 -16.94 25.30
N LEU F 371 -7.50 -17.16 25.38
CA LEU F 371 -6.94 -17.88 26.52
C LEU F 371 -7.15 -17.12 27.81
N LEU F 372 -7.01 -15.79 27.77
CA LEU F 372 -7.24 -14.99 28.97
C LEU F 372 -8.69 -15.10 29.43
N ALA F 373 -9.63 -15.06 28.47
CA ALA F 373 -11.04 -15.20 28.82
C ALA F 373 -11.32 -16.56 29.42
N TYR F 374 -10.75 -17.62 28.85
CA TYR F 374 -10.95 -18.95 29.41
C TYR F 374 -10.39 -19.06 30.81
N GLU F 375 -9.19 -18.49 31.04
CA GLU F 375 -8.58 -18.57 32.35
C GLU F 375 -9.38 -17.78 33.39
N LEU F 376 -9.86 -16.60 33.03
CA LEU F 376 -10.71 -15.85 33.94
C LEU F 376 -12.00 -16.61 34.22
N GLY F 377 -12.54 -17.29 33.20
CA GLY F 377 -13.75 -18.07 33.42
C GLY F 377 -13.53 -19.22 34.39
N VAL F 378 -12.42 -19.93 34.24
CA VAL F 378 -12.16 -21.06 35.13
C VAL F 378 -11.87 -20.57 36.54
N LEU F 379 -11.19 -19.42 36.67
CA LEU F 379 -10.97 -18.85 38.00
C LEU F 379 -12.29 -18.47 38.65
N LEU F 380 -13.20 -17.86 37.89
CA LEU F 380 -14.50 -17.48 38.43
C LEU F 380 -15.31 -18.71 38.81
N VAL F 381 -15.26 -19.77 38.00
CA VAL F 381 -15.99 -20.99 38.31
C VAL F 381 -15.45 -21.59 39.60
N TRP F 382 -14.12 -21.66 39.75
CA TRP F 382 -13.53 -22.20 40.97
C TRP F 382 -13.92 -21.37 42.18
N MET F 383 -13.89 -20.05 42.05
CA MET F 383 -14.25 -19.18 43.17
C MET F 383 -15.72 -19.38 43.56
N VAL F 384 -16.60 -19.51 42.57
CA VAL F 384 -18.01 -19.74 42.85
C VAL F 384 -18.19 -21.07 43.56
N GLU F 385 -17.49 -22.12 43.11
CA GLU F 385 -17.61 -23.41 43.75
C GLU F 385 -17.09 -23.38 45.18
N ARG F 386 -15.98 -22.67 45.40
CA ARG F 386 -15.45 -22.55 46.76
C ARG F 386 -16.41 -21.81 47.67
N ARG F 387 -17.03 -20.74 47.16
CA ARG F 387 -18.01 -20.01 47.96
C ARG F 387 -19.22 -20.88 48.28
N ARG F 388 -19.67 -21.67 47.30
CA ARG F 388 -20.80 -22.56 47.54
C ARG F 388 -20.44 -23.62 48.59
N ALA F 389 -19.25 -24.18 48.52
CA ALA F 389 -18.83 -25.17 49.51
C ALA F 389 -18.73 -24.55 50.90
N ARG F 390 -18.19 -23.33 50.98
CA ARG F 390 -18.11 -22.64 52.27
C ARG F 390 -19.48 -22.36 52.84
N ASN F 391 -20.43 -21.95 51.99
CA ASN F 391 -21.79 -21.73 52.46
C ASN F 391 -22.43 -23.02 52.96
N SER F 392 -22.20 -24.12 52.25
CA SER F 392 -22.75 -25.40 52.64
C SER F 392 -21.99 -25.99 53.83
#